data_6N2B
#
_entry.id   6N2B
#
_cell.length_a   67.093
_cell.length_b   98.317
_cell.length_c   196.053
_cell.angle_alpha   90.00
_cell.angle_beta   90.00
_cell.angle_gamma   90.00
#
_symmetry.space_group_name_H-M   'P 21 21 21'
#
loop_
_entity.id
_entity.type
_entity.pdbx_description
1 polymer Tapirin
2 non-polymer 'CALCIUM ION'
3 non-polymer GLYCEROL
4 water water
#
_entity_poly.entity_id   1
_entity_poly.type   'polypeptide(L)'
_entity_poly.pdbx_seq_one_letter_code
;MKTSTTYGGESLTEAYLYYFNQICEDAREAAYSYYFDGSGNFKSTYIGGKVSPQNEPKRIWDDLTAGHITQDEAKDRILS
GMREIIVSEVNNFMNGLPSSISFKVSPSSPITINKLDDLKNYILKELKDISNFGVGSFTVSSWSAGDVKGYTVEFEVYKE
QNTGTSPAKDTVRNMRIDIAVNKGVMPDIGTLNPTSSTSSWNDLFEYAVYSRGSFLPNYKFTVRGGSIYSGERIQTQGEF
KAIGVNNLICKGPEVIVNGGGNSIEIKEIMYIQNKLVFNGAPNTNPNTLNANKIYTGLGGMELNGYGYYKANEIYSDGEV
QVKNYGNFEIGSIGIVKKLTVTDNGRTTIKSGATLYCDQLEVRNNGRVFIEAGATLVTRAISISGGTIEGPGTRQVNPSA
TFPSYPPFIDDIKNFDFDSRMSVTTLPADPVGATTLGSVYDKSATPWEIVVYGESGINDSELITEVNSKLGSFPSNVRLY
LASKGNITFSNPTSLPLYNPTTGKLVIEGAIITLGSTFNINISGAGIELIYKRAGSTIESSITSTLNYIPPPRSYSSSSA
QTVNTMYQVKRRGMIIK
;
_entity_poly.pdbx_strand_id   A,B
#
loop_
_chem_comp.id
_chem_comp.type
_chem_comp.name
_chem_comp.formula
CA non-polymer 'CALCIUM ION' 'Ca 2'
GOL non-polymer GLYCEROL 'C3 H8 O3'
#
# COMPACT_ATOMS: atom_id res chain seq x y z
N SER A 199 17.36 -6.83 11.14
CA SER A 199 18.13 -6.55 9.91
C SER A 199 19.15 -5.43 10.13
N SER A 200 20.30 -5.54 9.46
CA SER A 200 21.46 -4.70 9.72
C SER A 200 21.93 -4.08 8.42
N TRP A 201 22.31 -2.79 8.45
CA TRP A 201 22.80 -2.15 7.23
C TRP A 201 24.23 -2.59 6.85
N ASN A 202 24.98 -3.22 7.75
CA ASN A 202 26.31 -3.66 7.36
C ASN A 202 26.38 -5.15 6.99
N ASP A 203 25.23 -5.80 6.86
CA ASP A 203 25.14 -7.22 6.52
C ASP A 203 24.91 -7.39 5.03
N LEU A 204 25.84 -8.09 4.36
CA LEU A 204 25.72 -8.27 2.92
C LEU A 204 24.42 -8.97 2.54
N PHE A 205 23.95 -9.90 3.38
CA PHE A 205 22.76 -10.68 3.04
C PHE A 205 21.46 -9.94 3.30
N GLU A 206 21.53 -8.70 3.76
CA GLU A 206 20.35 -7.83 3.85
C GLU A 206 20.05 -7.14 2.52
N TYR A 207 20.95 -7.16 1.56
CA TYR A 207 20.78 -6.33 0.38
C TYR A 207 20.00 -7.06 -0.72
N ALA A 208 19.01 -6.35 -1.27
CA ALA A 208 18.40 -6.78 -2.52
C ALA A 208 19.34 -6.51 -3.69
N VAL A 209 20.02 -5.37 -3.64
CA VAL A 209 21.05 -5.02 -4.63
C VAL A 209 22.30 -4.64 -3.85
N TYR A 210 23.36 -5.42 -4.02
CA TYR A 210 24.68 -5.07 -3.51
C TYR A 210 25.58 -4.89 -4.71
N SER A 211 26.03 -3.67 -4.94
CA SER A 211 26.89 -3.37 -6.08
C SER A 211 28.24 -2.86 -5.56
N ARG A 212 29.29 -3.64 -5.80
CA ARG A 212 30.63 -3.21 -5.41
C ARG A 212 31.05 -1.98 -6.20
N GLY A 213 30.73 -1.96 -7.49
CA GLY A 213 30.95 -0.76 -8.28
C GLY A 213 29.67 0.04 -8.39
N SER A 214 29.36 0.47 -9.61
CA SER A 214 28.18 1.27 -9.86
C SER A 214 26.95 0.37 -10.05
N PHE A 215 25.78 1.00 -10.10
CA PHE A 215 24.50 0.30 -10.24
C PHE A 215 23.60 1.15 -11.14
N LEU A 216 23.47 0.73 -12.39
CA LEU A 216 22.64 1.44 -13.36
C LEU A 216 21.51 0.53 -13.80
N PRO A 217 20.37 0.59 -13.10
CA PRO A 217 19.25 -0.29 -13.45
C PRO A 217 18.58 0.16 -14.73
N ASN A 218 17.79 -0.75 -15.28
CA ASN A 218 17.00 -0.49 -16.46
C ASN A 218 15.80 0.38 -16.13
N TYR A 219 15.26 1.01 -17.16
CA TYR A 219 13.93 1.61 -17.09
C TYR A 219 12.91 0.61 -16.59
N LYS A 220 12.05 1.05 -15.66
CA LYS A 220 11.06 0.19 -15.01
C LYS A 220 11.75 -0.87 -14.14
N PHE A 221 12.21 -0.47 -12.97
CA PHE A 221 12.88 -1.37 -12.06
C PHE A 221 12.33 -1.11 -10.68
N THR A 222 11.73 -2.12 -10.08
CA THR A 222 11.23 -2.03 -8.73
C THR A 222 12.03 -2.97 -7.86
N VAL A 223 12.54 -2.46 -6.75
CA VAL A 223 13.05 -3.30 -5.69
C VAL A 223 12.11 -3.17 -4.50
N ARG A 224 11.68 -4.32 -3.98
CA ARG A 224 10.66 -4.40 -2.94
C ARG A 224 11.29 -5.15 -1.76
N GLY A 225 11.60 -4.41 -0.70
CA GLY A 225 12.25 -4.98 0.47
C GLY A 225 13.75 -4.94 0.33
N GLY A 226 14.41 -5.42 1.38
CA GLY A 226 15.86 -5.49 1.42
C GLY A 226 16.48 -4.09 1.40
N SER A 227 17.78 -4.07 1.14
CA SER A 227 18.49 -2.82 1.06
C SER A 227 19.28 -2.77 -0.24
N ILE A 228 19.78 -1.57 -0.52
CA ILE A 228 20.48 -1.25 -1.75
C ILE A 228 21.81 -0.64 -1.34
N TYR A 229 22.89 -1.13 -1.94
CA TYR A 229 24.23 -0.60 -1.72
C TYR A 229 24.91 -0.42 -3.06
N SER A 230 25.66 0.66 -3.19
CA SER A 230 26.59 0.81 -4.30
C SER A 230 27.88 1.45 -3.81
N GLY A 231 29.01 0.93 -4.31
CA GLY A 231 30.30 1.53 -4.02
C GLY A 231 30.65 2.74 -4.86
N GLU A 232 30.05 2.88 -6.04
CA GLU A 232 30.26 4.04 -6.90
C GLU A 232 28.94 4.75 -7.21
N ARG A 233 28.66 5.02 -8.48
CA ARG A 233 27.48 5.80 -8.86
C ARG A 233 26.22 4.95 -8.94
N ILE A 234 25.09 5.54 -8.55
CA ILE A 234 23.77 5.02 -8.88
C ILE A 234 23.10 6.00 -9.82
N GLN A 235 22.61 5.50 -10.95
CA GLN A 235 21.91 6.32 -11.93
C GLN A 235 20.75 5.51 -12.48
N THR A 236 19.54 6.02 -12.26
CA THR A 236 18.31 5.37 -12.67
C THR A 236 17.69 6.16 -13.82
N GLN A 237 17.23 5.45 -14.83
CA GLN A 237 16.77 6.05 -16.08
C GLN A 237 15.24 6.07 -16.22
N GLY A 238 14.53 6.21 -15.12
CA GLY A 238 13.09 6.38 -15.21
C GLY A 238 12.35 5.19 -14.64
N GLU A 239 11.17 5.47 -14.08
CA GLU A 239 10.30 4.45 -13.49
C GLU A 239 11.03 3.56 -12.49
N PHE A 240 11.89 4.18 -11.69
CA PHE A 240 12.60 3.44 -10.66
C PHE A 240 11.82 3.51 -9.35
N LYS A 241 11.56 2.35 -8.74
CA LYS A 241 10.76 2.30 -7.52
C LYS A 241 11.43 1.42 -6.47
N ALA A 242 11.52 1.95 -5.26
CA ALA A 242 11.96 1.20 -4.09
C ALA A 242 10.79 1.16 -3.11
N ILE A 243 10.18 0.01 -2.94
CA ILE A 243 9.01 -0.12 -2.07
C ILE A 243 9.40 -0.92 -0.83
N GLY A 244 9.34 -0.28 0.33
CA GLY A 244 9.75 -0.96 1.56
C GLY A 244 11.24 -1.25 1.68
N VAL A 245 12.10 -0.47 1.02
CA VAL A 245 13.55 -0.65 1.15
C VAL A 245 14.00 -0.16 2.53
N ASN A 246 14.81 -0.95 3.20
CA ASN A 246 15.28 -0.56 4.53
C ASN A 246 16.40 0.48 4.46
N ASN A 247 17.47 0.19 3.74
CA ASN A 247 18.54 1.17 3.59
C ASN A 247 18.91 1.31 2.12
N LEU A 248 19.37 2.51 1.75
CA LEU A 248 20.01 2.76 0.46
C LEU A 248 21.31 3.48 0.79
N ILE A 249 22.43 2.77 0.72
CA ILE A 249 23.74 3.34 1.02
C ILE A 249 24.53 3.49 -0.27
N CYS A 250 24.95 4.72 -0.57
CA CYS A 250 25.79 4.95 -1.74
C CYS A 250 27.10 5.58 -1.28
N LYS A 251 28.21 4.88 -1.50
CA LYS A 251 29.49 5.39 -1.06
C LYS A 251 30.31 6.00 -2.18
N GLY A 252 29.72 6.14 -3.39
CA GLY A 252 30.33 6.83 -4.50
C GLY A 252 29.88 8.28 -4.64
N PRO A 253 30.29 8.91 -5.76
CA PRO A 253 30.14 10.37 -5.87
C PRO A 253 28.75 10.91 -6.25
N GLU A 254 27.86 10.14 -6.87
CA GLU A 254 26.55 10.65 -7.25
C GLU A 254 25.50 9.57 -7.03
N VAL A 255 24.27 10.03 -6.79
CA VAL A 255 23.07 9.24 -7.00
C VAL A 255 22.17 10.10 -7.85
N ILE A 256 21.98 9.71 -9.10
CA ILE A 256 21.23 10.51 -10.06
C ILE A 256 19.96 9.76 -10.39
N VAL A 257 18.83 10.32 -10.00
CA VAL A 257 17.52 9.76 -10.34
C VAL A 257 16.95 10.60 -11.48
N ASN A 258 16.83 9.99 -12.67
CA ASN A 258 16.35 10.68 -13.86
C ASN A 258 14.92 10.28 -14.20
N GLY A 259 14.29 11.10 -15.04
CA GLY A 259 12.94 10.83 -15.53
C GLY A 259 11.88 10.98 -14.45
N GLY A 260 10.68 10.51 -14.78
CA GLY A 260 9.54 10.55 -13.87
C GLY A 260 9.07 9.17 -13.41
N GLY A 261 7.99 9.19 -12.66
CA GLY A 261 7.43 7.95 -12.16
C GLY A 261 8.27 7.22 -11.15
N ASN A 262 9.27 7.90 -10.59
CA ASN A 262 10.08 7.30 -9.54
C ASN A 262 9.41 7.48 -8.20
N SER A 263 9.48 6.43 -7.39
CA SER A 263 8.86 6.43 -6.08
C SER A 263 9.82 5.66 -5.16
N ILE A 264 10.41 6.33 -4.18
CA ILE A 264 11.41 5.71 -3.31
C ILE A 264 10.95 5.77 -1.86
N GLU A 265 10.93 4.60 -1.19
CA GLU A 265 10.59 4.49 0.22
C GLU A 265 11.78 3.94 0.98
N ILE A 266 12.30 4.72 1.92
CA ILE A 266 13.43 4.30 2.75
C ILE A 266 12.97 4.24 4.19
N LYS A 267 13.00 3.04 4.78
CA LYS A 267 12.47 2.87 6.12
C LYS A 267 13.45 3.28 7.19
N GLU A 268 14.75 3.16 6.94
CA GLU A 268 15.75 3.51 7.93
C GLU A 268 16.66 4.56 7.32
N ILE A 269 17.86 4.20 6.86
CA ILE A 269 18.89 5.17 6.51
C ILE A 269 19.08 5.21 5.00
N MET A 270 19.03 6.42 4.43
CA MET A 270 19.55 6.70 3.10
C MET A 270 20.83 7.51 3.26
N TYR A 271 21.96 6.86 3.04
CA TYR A 271 23.27 7.49 3.16
C TYR A 271 23.75 7.86 1.77
N ILE A 272 24.03 9.14 1.56
CA ILE A 272 24.50 9.65 0.28
C ILE A 272 25.88 10.25 0.52
N GLN A 273 26.93 9.53 0.12
CA GLN A 273 28.30 9.94 0.39
C GLN A 273 28.60 11.37 -0.07
N ASN A 274 28.18 11.72 -1.30
CA ASN A 274 28.47 13.06 -1.81
C ASN A 274 27.19 13.81 -2.23
N LYS A 275 26.54 13.42 -3.32
CA LYS A 275 25.45 14.20 -3.90
C LYS A 275 24.28 13.30 -4.31
N LEU A 276 23.06 13.82 -4.14
CA LEU A 276 21.83 13.16 -4.60
C LEU A 276 21.07 14.15 -5.47
N VAL A 277 20.59 13.70 -6.62
CA VAL A 277 19.93 14.58 -7.56
C VAL A 277 18.70 13.88 -8.12
N PHE A 278 17.52 14.42 -7.83
CA PHE A 278 16.33 14.10 -8.61
C PHE A 278 16.25 15.09 -9.75
N ASN A 279 16.41 14.62 -10.98
CA ASN A 279 16.68 15.53 -12.08
C ASN A 279 15.44 16.26 -12.57
N GLY A 280 14.27 15.64 -12.46
CA GLY A 280 13.06 16.29 -12.91
C GLY A 280 11.99 15.38 -13.46
N ALA A 281 10.77 15.55 -12.98
CA ALA A 281 9.64 14.74 -13.40
C ALA A 281 8.58 15.60 -14.08
N PRO A 282 7.94 15.08 -15.12
CA PRO A 282 6.74 15.73 -15.65
C PRO A 282 5.63 15.75 -14.62
N ASN A 283 4.84 16.82 -14.63
CA ASN A 283 3.70 16.92 -13.73
C ASN A 283 2.71 15.79 -13.93
N THR A 284 2.81 15.11 -15.07
CA THR A 284 1.96 13.99 -15.41
C THR A 284 2.53 12.65 -14.93
N ASN A 285 3.79 12.62 -14.50
CA ASN A 285 4.41 11.42 -13.92
C ASN A 285 5.42 11.87 -12.86
N PRO A 286 4.94 12.33 -11.72
CA PRO A 286 5.86 12.91 -10.72
C PRO A 286 6.59 11.85 -9.89
N ASN A 287 7.70 12.27 -9.28
CA ASN A 287 8.44 11.46 -8.33
C ASN A 287 7.79 11.53 -6.96
N THR A 288 8.06 10.51 -6.15
CA THR A 288 7.82 10.61 -4.71
C THR A 288 9.01 10.03 -3.98
N LEU A 289 9.36 10.63 -2.84
CA LEU A 289 10.34 10.10 -1.91
C LEU A 289 9.75 10.15 -0.51
N ASN A 290 9.71 9.02 0.19
CA ASN A 290 9.35 8.95 1.60
C ASN A 290 10.50 8.27 2.31
N ALA A 291 11.26 9.04 3.08
CA ALA A 291 12.45 8.49 3.71
C ALA A 291 12.45 8.85 5.18
N ASN A 292 12.96 7.92 5.98
CA ASN A 292 13.06 8.16 7.40
C ASN A 292 14.20 9.12 7.70
N LYS A 293 15.44 8.68 7.50
CA LYS A 293 16.62 9.52 7.70
C LYS A 293 17.40 9.60 6.39
N ILE A 294 17.79 10.82 6.01
CA ILE A 294 18.61 11.08 4.84
C ILE A 294 19.87 11.79 5.28
N TYR A 295 21.00 11.37 4.73
CA TYR A 295 22.24 12.12 4.88
C TYR A 295 22.86 12.31 3.50
N THR A 296 23.32 13.53 3.22
CA THR A 296 24.20 13.77 2.07
C THR A 296 25.47 14.47 2.54
N GLY A 297 26.54 14.26 1.77
CA GLY A 297 27.78 14.98 1.96
C GLY A 297 27.77 16.32 1.27
N LEU A 298 28.97 16.78 0.88
CA LEU A 298 29.16 18.15 0.38
C LEU A 298 28.41 18.44 -0.92
N GLY A 299 28.08 17.43 -1.71
CA GLY A 299 27.43 17.68 -2.99
C GLY A 299 25.95 18.02 -2.90
N GLY A 300 25.30 17.72 -1.78
CA GLY A 300 23.96 18.19 -1.52
C GLY A 300 22.85 17.24 -1.92
N MET A 301 21.66 17.82 -2.04
CA MET A 301 20.44 17.10 -2.44
C MET A 301 19.63 18.06 -3.30
N GLU A 302 19.56 17.78 -4.60
CA GLU A 302 18.83 18.63 -5.54
C GLU A 302 17.50 17.95 -5.83
N LEU A 303 16.42 18.55 -5.31
CA LEU A 303 15.08 18.00 -5.47
C LEU A 303 14.36 18.83 -6.53
N ASN A 304 14.66 18.52 -7.79
CA ASN A 304 13.89 19.10 -8.87
C ASN A 304 12.52 18.48 -8.89
N GLY A 305 11.60 19.12 -9.59
CA GLY A 305 10.22 19.10 -9.23
C GLY A 305 9.31 18.31 -10.15
N TYR A 306 8.01 18.53 -9.88
CA TYR A 306 6.92 17.57 -9.97
C TYR A 306 7.33 16.35 -9.18
N GLY A 307 7.13 16.48 -7.87
CA GLY A 307 7.50 15.46 -6.92
C GLY A 307 7.10 15.88 -5.52
N TYR A 308 6.80 14.90 -4.68
CA TYR A 308 6.55 15.13 -3.26
C TYR A 308 7.61 14.36 -2.50
N TYR A 309 8.53 15.09 -1.88
CA TYR A 309 9.67 14.53 -1.21
C TYR A 309 9.53 14.74 0.29
N LYS A 310 9.47 13.65 1.04
CA LYS A 310 9.36 13.69 2.49
C LYS A 310 10.58 13.03 3.12
N ALA A 311 11.21 13.73 4.06
CA ALA A 311 12.15 13.10 4.97
C ALA A 311 11.73 13.44 6.40
N ASN A 312 11.92 12.49 7.31
CA ASN A 312 11.66 12.79 8.71
C ASN A 312 12.86 13.44 9.37
N GLU A 313 14.06 12.97 9.05
CA GLU A 313 15.31 13.61 9.44
C GLU A 313 16.10 13.81 8.17
N ILE A 314 16.78 14.96 8.06
CA ILE A 314 17.63 15.26 6.91
C ILE A 314 18.89 15.95 7.44
N TYR A 315 20.06 15.41 7.10
CA TYR A 315 21.33 16.00 7.48
C TYR A 315 22.16 16.17 6.24
N SER A 316 22.77 17.35 6.07
CA SER A 316 23.50 17.58 4.84
C SER A 316 24.66 18.53 5.05
N ASP A 317 25.85 18.08 4.66
CA ASP A 317 27.05 18.90 4.66
C ASP A 317 27.09 19.88 3.48
N GLY A 318 26.01 19.93 2.69
CA GLY A 318 25.91 20.76 1.50
C GLY A 318 24.55 21.43 1.37
N GLU A 319 24.17 21.78 0.14
CA GLU A 319 23.01 22.63 -0.11
C GLU A 319 21.83 21.78 -0.55
N VAL A 320 20.75 21.81 0.21
CA VAL A 320 19.49 21.21 -0.21
C VAL A 320 18.80 22.21 -1.11
N GLN A 321 18.66 21.87 -2.38
CA GLN A 321 17.90 22.68 -3.31
C GLN A 321 16.53 22.03 -3.52
N VAL A 322 15.50 22.85 -3.49
CA VAL A 322 14.16 22.44 -3.81
C VAL A 322 13.68 23.40 -4.88
N LYS A 323 13.53 22.92 -6.12
CA LYS A 323 13.21 23.85 -7.20
C LYS A 323 12.39 23.17 -8.28
N ASN A 324 11.98 23.99 -9.24
CA ASN A 324 11.21 23.57 -10.41
C ASN A 324 9.96 22.80 -10.01
N TYR A 325 9.22 23.37 -9.07
CA TYR A 325 7.92 22.91 -8.53
C TYR A 325 8.06 21.73 -7.57
N GLY A 326 9.26 21.41 -7.11
CA GLY A 326 9.41 20.34 -6.15
C GLY A 326 8.83 20.68 -4.79
N ASN A 327 8.32 19.65 -4.10
CA ASN A 327 7.73 19.77 -2.78
C ASN A 327 8.57 18.95 -1.80
N PHE A 328 9.08 19.60 -0.77
CA PHE A 328 9.93 18.93 0.21
C PHE A 328 9.42 19.22 1.61
N GLU A 329 9.09 18.17 2.37
CA GLU A 329 8.61 18.30 3.74
C GLU A 329 9.58 17.65 4.72
N ILE A 330 9.89 18.36 5.80
CA ILE A 330 10.71 17.84 6.88
C ILE A 330 9.82 17.51 8.06
N GLY A 331 9.77 16.23 8.44
CA GLY A 331 8.79 15.78 9.42
C GLY A 331 9.20 15.97 10.86
N SER A 332 10.51 15.97 11.13
CA SER A 332 10.95 16.05 12.52
C SER A 332 12.20 16.93 12.72
N ILE A 333 13.26 16.76 11.93
CA ILE A 333 14.48 17.54 12.16
C ILE A 333 15.28 17.70 10.87
N GLY A 334 15.96 18.83 10.75
CA GLY A 334 16.88 19.07 9.66
C GLY A 334 18.10 19.82 10.14
N ILE A 335 19.29 19.40 9.69
CA ILE A 335 20.53 20.10 9.92
C ILE A 335 21.33 20.11 8.62
N VAL A 336 21.33 21.23 7.91
CA VAL A 336 21.94 21.33 6.59
C VAL A 336 22.81 22.56 6.53
N LYS A 337 23.72 22.57 5.56
CA LYS A 337 24.56 23.74 5.31
C LYS A 337 23.72 24.88 4.72
N LYS A 338 22.88 24.56 3.75
CA LYS A 338 22.08 25.56 3.06
C LYS A 338 20.79 24.91 2.60
N LEU A 339 19.71 25.68 2.66
CA LEU A 339 18.45 25.32 2.02
C LEU A 339 18.14 26.43 1.04
N THR A 340 17.96 26.10 -0.22
CA THR A 340 17.56 27.11 -1.19
C THR A 340 16.32 26.61 -1.91
N VAL A 341 15.28 27.43 -1.93
CA VAL A 341 14.06 27.17 -2.66
C VAL A 341 13.96 28.20 -3.77
N THR A 342 13.83 27.73 -5.01
CA THR A 342 13.80 28.60 -6.18
C THR A 342 12.79 28.04 -7.16
N ASP A 343 12.47 28.85 -8.16
CA ASP A 343 11.80 28.38 -9.37
C ASP A 343 10.57 27.55 -9.03
N ASN A 344 9.77 28.07 -8.10
CA ASN A 344 8.46 27.55 -7.70
C ASN A 344 8.54 26.32 -6.82
N GLY A 345 9.68 26.05 -6.19
CA GLY A 345 9.73 25.02 -5.19
C GLY A 345 8.89 25.35 -3.97
N ARG A 346 8.85 24.39 -3.04
CA ARG A 346 8.21 24.58 -1.75
C ARG A 346 8.84 23.65 -0.71
N THR A 347 9.21 24.20 0.43
CA THR A 347 9.71 23.41 1.55
C THR A 347 8.86 23.73 2.76
N THR A 348 8.23 22.69 3.33
CA THR A 348 7.39 22.81 4.52
C THR A 348 8.08 22.17 5.71
N ILE A 349 8.26 22.93 6.78
CA ILE A 349 8.62 22.39 8.08
C ILE A 349 7.31 22.01 8.76
N LYS A 350 7.10 20.71 8.98
CA LYS A 350 5.83 20.26 9.55
C LYS A 350 5.83 20.46 11.06
N SER A 351 4.62 20.42 11.63
CA SER A 351 4.43 20.71 13.05
C SER A 351 5.33 19.85 13.90
N GLY A 352 5.95 20.47 14.90
CA GLY A 352 6.83 19.79 15.80
C GLY A 352 8.26 19.69 15.33
N ALA A 353 8.52 19.95 14.05
CA ALA A 353 9.84 19.80 13.46
C ALA A 353 10.67 21.08 13.64
N THR A 354 11.99 20.90 13.57
CA THR A 354 12.93 22.02 13.57
C THR A 354 13.93 21.84 12.45
N LEU A 355 14.07 22.84 11.60
CA LEU A 355 15.15 22.89 10.62
C LEU A 355 16.25 23.82 11.14
N TYR A 356 17.50 23.38 11.07
CA TYR A 356 18.66 24.25 11.25
C TYR A 356 19.43 24.30 9.94
N CYS A 357 19.74 25.50 9.48
CA CYS A 357 20.63 25.65 8.33
C CYS A 357 21.53 26.85 8.55
N ASP A 358 22.80 26.73 8.12
CA ASP A 358 23.70 27.86 8.23
C ASP A 358 23.23 29.01 7.35
N GLN A 359 22.67 28.69 6.18
CA GLN A 359 22.14 29.69 5.29
C GLN A 359 20.78 29.28 4.75
N LEU A 360 19.93 30.28 4.51
CA LEU A 360 18.63 30.07 3.93
C LEU A 360 18.43 31.07 2.79
N GLU A 361 18.22 30.56 1.59
CA GLU A 361 17.97 31.37 0.41
C GLU A 361 16.63 30.98 -0.19
N VAL A 362 15.77 31.97 -0.45
CA VAL A 362 14.50 31.78 -1.14
C VAL A 362 14.44 32.79 -2.28
N ARG A 363 13.86 32.37 -3.41
CA ARG A 363 14.10 33.08 -4.66
C ARG A 363 13.04 32.65 -5.67
N ASN A 364 12.93 33.44 -6.74
N ASN A 364 12.89 33.46 -6.72
CA ASN A 364 12.03 33.22 -7.89
CA ASN A 364 12.06 33.17 -7.89
C ASN A 364 10.81 32.37 -7.55
C ASN A 364 10.81 32.35 -7.55
N ASN A 365 9.94 32.89 -6.69
CA ASN A 365 8.66 32.29 -6.31
C ASN A 365 8.81 31.02 -5.50
N GLY A 366 9.99 30.72 -4.98
CA GLY A 366 10.09 29.71 -3.95
C GLY A 366 9.27 30.09 -2.74
N ARG A 367 8.79 29.07 -2.03
CA ARG A 367 8.00 29.28 -0.82
C ARG A 367 8.53 28.38 0.28
N VAL A 368 8.65 28.93 1.48
CA VAL A 368 8.91 28.13 2.67
C VAL A 368 7.73 28.31 3.61
N PHE A 369 7.09 27.22 4.00
CA PHE A 369 6.00 27.25 4.94
C PHE A 369 6.43 26.62 6.25
N ILE A 370 6.27 27.34 7.35
CA ILE A 370 6.58 26.83 8.67
C ILE A 370 5.25 26.57 9.39
N GLU A 371 4.99 25.32 9.71
CA GLU A 371 3.70 25.02 10.30
C GLU A 371 3.69 25.40 11.77
N ALA A 372 2.48 25.45 12.34
CA ALA A 372 2.32 25.76 13.74
C ALA A 372 3.09 24.75 14.58
N GLY A 373 3.83 25.24 15.57
CA GLY A 373 4.63 24.37 16.38
C GLY A 373 5.94 23.95 15.75
N ALA A 374 6.21 24.34 14.50
CA ALA A 374 7.50 24.12 13.86
C ALA A 374 8.40 25.35 14.05
N THR A 375 9.67 25.20 13.66
CA THR A 375 10.68 26.23 13.84
C THR A 375 11.79 26.09 12.82
N LEU A 376 12.11 27.18 12.13
CA LEU A 376 13.26 27.24 11.23
C LEU A 376 14.30 28.14 11.88
N VAL A 377 15.55 27.67 11.92
CA VAL A 377 16.64 28.39 12.57
C VAL A 377 17.81 28.52 11.60
N THR A 378 18.07 29.75 11.13
CA THR A 378 19.13 29.98 10.15
C THR A 378 20.11 31.02 10.68
N ARG A 379 21.36 30.93 10.25
CA ARG A 379 22.38 31.92 10.63
C ARG A 379 22.40 33.12 9.70
N ALA A 380 21.95 32.95 8.46
CA ALA A 380 21.85 34.03 7.48
C ALA A 380 20.72 33.72 6.53
N ILE A 381 20.14 34.77 5.94
CA ILE A 381 18.91 34.67 5.16
C ILE A 381 19.00 35.62 3.98
N SER A 382 18.27 35.27 2.91
CA SER A 382 18.28 36.09 1.70
C SER A 382 17.02 35.77 0.91
N ILE A 383 16.01 36.63 1.04
CA ILE A 383 14.72 36.42 0.39
C ILE A 383 14.55 37.50 -0.65
N SER A 384 14.73 37.16 -1.92
CA SER A 384 14.47 38.08 -3.03
C SER A 384 13.57 37.39 -4.05
N GLY A 385 12.29 37.72 -4.02
CA GLY A 385 11.33 37.16 -4.95
C GLY A 385 10.47 36.07 -4.37
N GLY A 386 10.81 35.55 -3.19
CA GLY A 386 10.11 34.44 -2.59
C GLY A 386 9.40 34.81 -1.30
N THR A 387 8.71 33.82 -0.75
CA THR A 387 7.84 34.00 0.37
C THR A 387 8.26 33.07 1.51
N ILE A 388 7.98 33.50 2.74
CA ILE A 388 7.87 32.62 3.90
C ILE A 388 6.60 33.00 4.63
N GLU A 389 5.68 32.05 4.75
CA GLU A 389 4.43 32.29 5.47
C GLU A 389 4.27 31.16 6.49
N GLY A 390 3.06 31.02 7.01
CA GLY A 390 2.76 30.00 7.99
C GLY A 390 2.88 30.50 9.42
N PRO A 391 2.22 29.81 10.33
CA PRO A 391 2.12 30.28 11.73
C PRO A 391 3.27 29.87 12.64
N GLY A 392 4.31 29.24 12.13
CA GLY A 392 5.41 28.84 12.98
C GLY A 392 6.51 29.90 13.09
N THR A 393 7.46 29.60 13.98
CA THR A 393 8.58 30.49 14.27
C THR A 393 9.70 30.38 13.24
N ARG A 394 10.21 31.53 12.82
CA ARG A 394 11.36 31.64 11.93
C ARG A 394 12.39 32.54 12.62
N GLN A 395 13.61 32.02 12.81
CA GLN A 395 14.60 32.65 13.69
C GLN A 395 15.93 32.82 12.97
N VAL A 396 16.44 34.06 12.95
CA VAL A 396 17.75 34.36 12.37
C VAL A 396 18.72 34.67 13.51
N ASN A 397 19.84 33.93 13.56
CA ASN A 397 20.79 34.02 14.67
C ASN A 397 22.16 33.66 14.14
N PRO A 398 22.99 34.66 13.79
CA PRO A 398 24.29 34.38 13.16
C PRO A 398 25.22 33.52 14.01
N SER A 399 24.94 33.34 15.29
CA SER A 399 25.80 32.57 16.18
C SER A 399 25.05 31.37 16.76
N ALA A 400 24.05 30.89 16.03
CA ALA A 400 23.25 29.78 16.51
C ALA A 400 24.11 28.53 16.69
N THR A 401 23.75 27.74 17.70
CA THR A 401 24.37 26.45 17.98
C THR A 401 23.42 25.36 17.52
N PHE A 402 23.88 24.53 16.57
CA PHE A 402 23.05 23.43 16.08
C PHE A 402 23.31 22.16 16.88
N PRO A 403 22.36 21.24 16.92
CA PRO A 403 22.62 19.95 17.57
C PRO A 403 23.60 19.13 16.74
N SER A 404 24.05 18.03 17.34
CA SER A 404 25.04 17.20 16.69
C SER A 404 24.35 16.22 15.75
N TYR A 405 25.04 15.89 14.66
CA TYR A 405 24.65 14.77 13.80
C TYR A 405 24.47 13.52 14.65
N PRO A 406 23.51 12.66 14.32
CA PRO A 406 23.40 11.39 15.02
C PRO A 406 24.52 10.44 14.60
N PRO A 407 24.78 9.39 15.37
CA PRO A 407 26.02 8.62 15.15
C PRO A 407 26.02 7.71 13.93
N PHE A 408 24.85 7.40 13.34
CA PHE A 408 24.85 6.49 12.19
C PHE A 408 25.66 7.05 11.04
N ILE A 409 25.75 8.37 10.93
CA ILE A 409 26.47 8.98 9.82
C ILE A 409 27.93 8.56 9.85
N ASP A 410 28.58 8.74 11.00
CA ASP A 410 30.00 8.38 11.05
C ASP A 410 30.19 6.88 10.92
N ASP A 411 29.32 6.10 11.58
CA ASP A 411 29.36 4.64 11.47
C ASP A 411 29.46 4.18 10.02
N ILE A 412 28.63 4.75 9.16
CA ILE A 412 28.60 4.31 7.76
C ILE A 412 29.78 4.89 6.99
N LYS A 413 30.04 6.18 7.17
CA LYS A 413 31.23 6.78 6.58
C LYS A 413 32.49 5.99 6.93
N ASN A 414 32.52 5.39 8.12
CA ASN A 414 33.71 4.73 8.62
C ASN A 414 33.76 3.25 8.29
N PHE A 415 32.72 2.70 7.68
CA PHE A 415 32.68 1.28 7.37
C PHE A 415 33.27 1.03 5.99
N ASP A 416 34.31 0.19 5.92
CA ASP A 416 34.98 -0.15 4.67
C ASP A 416 34.34 -1.41 4.09
N PHE A 417 33.24 -1.21 3.36
CA PHE A 417 32.45 -2.32 2.83
C PHE A 417 33.33 -3.29 2.05
N ASP A 418 34.26 -2.76 1.25
CA ASP A 418 35.09 -3.61 0.43
C ASP A 418 35.98 -4.51 1.27
N SER A 419 36.37 -4.04 2.45
CA SER A 419 37.28 -4.80 3.30
C SER A 419 36.67 -6.12 3.77
N ARG A 420 35.36 -6.28 3.67
CA ARG A 420 34.70 -7.48 4.20
C ARG A 420 34.80 -8.68 3.28
N MET A 421 35.32 -8.52 2.06
CA MET A 421 35.37 -9.60 1.09
C MET A 421 36.65 -9.48 0.30
N SER A 422 36.99 -10.57 -0.40
CA SER A 422 38.14 -10.60 -1.30
C SER A 422 37.67 -11.20 -2.61
N VAL A 423 37.44 -10.36 -3.61
CA VAL A 423 36.94 -10.84 -4.89
C VAL A 423 38.10 -11.44 -5.66
N THR A 424 37.95 -12.69 -6.10
CA THR A 424 38.90 -13.32 -6.99
C THR A 424 38.16 -13.63 -8.29
N THR A 425 37.85 -14.88 -8.57
CA THR A 425 37.18 -15.26 -9.80
C THR A 425 35.85 -15.93 -9.47
N LEU A 426 34.86 -15.70 -10.31
CA LEU A 426 33.63 -16.40 -10.00
C LEU A 426 33.63 -17.78 -10.67
N PRO A 427 33.20 -18.82 -9.94
CA PRO A 427 33.25 -20.18 -10.47
C PRO A 427 32.39 -20.39 -11.70
N ALA A 428 32.76 -21.41 -12.48
CA ALA A 428 32.00 -21.89 -13.62
C ALA A 428 32.21 -23.39 -13.73
N ASP A 429 31.18 -24.11 -14.14
N ASP A 429 31.11 -24.14 -14.04
CA ASP A 429 31.30 -25.52 -14.43
CA ASP A 429 31.08 -25.58 -14.34
C ASP A 429 30.77 -25.79 -15.82
C ASP A 429 30.73 -25.80 -15.81
N PRO A 430 31.16 -26.92 -16.44
CA PRO A 430 30.71 -27.18 -17.82
C PRO A 430 29.30 -27.74 -17.88
N VAL A 431 28.74 -28.21 -16.77
CA VAL A 431 27.31 -28.51 -16.71
C VAL A 431 26.50 -27.26 -17.02
N GLY A 432 25.55 -27.37 -17.93
CA GLY A 432 24.77 -26.17 -18.21
C GLY A 432 25.57 -25.15 -19.01
N ALA A 433 25.23 -23.88 -18.83
CA ALA A 433 25.95 -22.81 -19.53
C ALA A 433 27.42 -22.82 -19.12
N THR A 434 28.32 -22.88 -20.11
CA THR A 434 29.73 -23.08 -19.80
C THR A 434 30.40 -21.82 -19.25
N THR A 435 29.73 -20.67 -19.33
CA THR A 435 30.19 -19.43 -18.70
C THR A 435 29.82 -19.33 -17.23
N LEU A 436 28.72 -19.95 -16.83
CA LEU A 436 28.17 -19.78 -15.47
C LEU A 436 28.56 -20.94 -14.56
N GLY A 437 28.53 -20.64 -13.26
CA GLY A 437 28.51 -21.68 -12.25
C GLY A 437 27.32 -21.46 -11.35
N SER A 438 26.97 -22.50 -10.61
CA SER A 438 25.89 -22.33 -9.65
C SER A 438 26.03 -23.33 -8.52
N VAL A 439 25.38 -23.00 -7.41
CA VAL A 439 25.09 -23.88 -6.28
C VAL A 439 23.61 -23.77 -5.97
N TYR A 440 22.96 -24.90 -5.68
CA TYR A 440 21.52 -24.89 -5.44
C TYR A 440 21.18 -25.62 -4.15
N ASP A 441 19.92 -25.46 -3.73
CA ASP A 441 19.40 -26.02 -2.48
C ASP A 441 17.96 -26.44 -2.72
N LYS A 442 17.70 -27.74 -2.79
CA LYS A 442 16.34 -28.23 -2.93
C LYS A 442 15.69 -28.54 -1.59
N SER A 443 16.42 -28.41 -0.47
CA SER A 443 15.81 -28.59 0.83
C SER A 443 14.93 -27.41 1.21
N ALA A 444 15.17 -26.25 0.61
CA ALA A 444 14.35 -25.07 0.83
C ALA A 444 13.07 -25.14 0.00
N THR A 445 12.10 -24.30 0.37
CA THR A 445 10.83 -24.22 -0.33
C THR A 445 10.45 -22.76 -0.45
N PRO A 446 10.46 -22.18 -1.66
CA PRO A 446 10.85 -22.75 -2.95
C PRO A 446 12.33 -23.08 -3.05
N TRP A 447 12.71 -23.82 -4.09
CA TRP A 447 14.11 -24.11 -4.34
C TRP A 447 14.90 -22.82 -4.50
N GLU A 448 16.14 -22.85 -4.05
CA GLU A 448 17.02 -21.70 -4.12
C GLU A 448 18.25 -22.06 -4.93
N ILE A 449 18.67 -21.16 -5.81
CA ILE A 449 19.88 -21.38 -6.59
C ILE A 449 20.56 -20.03 -6.71
N VAL A 450 21.88 -20.03 -6.54
CA VAL A 450 22.69 -18.85 -6.82
C VAL A 450 23.47 -19.12 -8.10
N VAL A 451 23.47 -18.15 -9.00
CA VAL A 451 24.14 -18.27 -10.29
C VAL A 451 25.32 -17.31 -10.33
N TYR A 452 26.52 -17.85 -10.56
CA TYR A 452 27.72 -17.05 -10.66
C TYR A 452 28.09 -16.85 -12.13
N GLY A 453 28.34 -15.61 -12.51
CA GLY A 453 28.76 -15.30 -13.87
C GLY A 453 29.95 -14.37 -13.90
N GLU A 454 31.14 -14.92 -14.17
CA GLU A 454 32.37 -14.13 -14.15
C GLU A 454 32.41 -13.06 -15.23
N SER A 455 31.73 -13.29 -16.36
CA SER A 455 31.67 -12.34 -17.47
C SER A 455 30.27 -11.82 -17.73
N GLY A 456 29.39 -11.85 -16.73
CA GLY A 456 28.00 -11.48 -16.92
C GLY A 456 27.06 -12.68 -16.94
N ILE A 457 25.77 -12.37 -17.01
CA ILE A 457 24.71 -13.37 -17.10
C ILE A 457 23.69 -12.88 -18.13
N ASN A 458 23.15 -13.80 -18.93
CA ASN A 458 22.03 -13.47 -19.79
C ASN A 458 20.96 -14.55 -19.69
N ASP A 459 19.83 -14.30 -20.34
CA ASP A 459 18.67 -15.16 -20.10
C ASP A 459 18.83 -16.53 -20.77
N SER A 460 19.47 -16.58 -21.94
CA SER A 460 19.77 -17.87 -22.55
C SER A 460 20.64 -18.74 -21.65
N GLU A 461 21.74 -18.16 -21.14
CA GLU A 461 22.61 -18.90 -20.23
C GLU A 461 21.87 -19.34 -18.97
N LEU A 462 21.02 -18.47 -18.44
CA LEU A 462 20.29 -18.75 -17.21
C LEU A 462 19.34 -19.93 -17.37
N ILE A 463 18.59 -19.97 -18.48
CA ILE A 463 17.73 -21.12 -18.75
C ILE A 463 18.54 -22.40 -18.85
N THR A 464 19.67 -22.36 -19.58
CA THR A 464 20.54 -23.53 -19.66
C THR A 464 21.03 -23.95 -18.28
N GLU A 465 21.65 -23.03 -17.54
CA GLU A 465 22.28 -23.39 -16.27
C GLU A 465 21.26 -23.90 -15.26
N VAL A 466 20.16 -23.17 -15.07
CA VAL A 466 19.20 -23.56 -14.05
C VAL A 466 18.65 -24.96 -14.32
N ASN A 467 18.18 -25.21 -15.55
CA ASN A 467 17.61 -26.51 -15.89
C ASN A 467 18.61 -27.64 -15.69
N SER A 468 19.88 -27.40 -15.99
CA SER A 468 20.86 -28.47 -15.83
C SER A 468 20.96 -28.89 -14.36
N LYS A 469 20.90 -27.93 -13.44
CA LYS A 469 21.10 -28.26 -12.03
C LYS A 469 19.83 -28.80 -11.39
N LEU A 470 18.66 -28.34 -11.84
CA LEU A 470 17.41 -28.63 -11.17
C LEU A 470 16.52 -29.62 -11.89
N GLY A 471 16.88 -29.99 -13.13
CA GLY A 471 16.00 -30.78 -13.97
C GLY A 471 14.72 -30.08 -14.36
N SER A 472 14.60 -28.79 -14.05
CA SER A 472 13.47 -27.95 -14.46
C SER A 472 13.83 -26.52 -14.11
N PHE A 473 12.85 -25.64 -14.23
CA PHE A 473 13.02 -24.21 -13.96
C PHE A 473 11.66 -23.69 -13.52
N PRO A 474 11.26 -23.95 -12.27
CA PRO A 474 9.91 -23.56 -11.84
C PRO A 474 9.83 -22.07 -11.65
N SER A 475 8.64 -21.53 -11.91
CA SER A 475 8.48 -20.08 -11.87
C SER A 475 8.73 -19.52 -10.47
N ASN A 476 8.57 -20.33 -9.43
CA ASN A 476 8.72 -19.88 -8.05
C ASN A 476 10.16 -19.96 -7.53
N VAL A 477 11.15 -20.27 -8.39
CA VAL A 477 12.50 -20.47 -7.87
C VAL A 477 13.07 -19.16 -7.34
N ARG A 478 13.70 -19.24 -6.17
CA ARG A 478 14.41 -18.10 -5.59
C ARG A 478 15.78 -18.01 -6.26
N LEU A 479 16.05 -16.84 -6.85
CA LEU A 479 17.23 -16.63 -7.68
C LEU A 479 18.16 -15.60 -7.02
N TYR A 480 19.42 -15.98 -6.85
CA TYR A 480 20.46 -15.10 -6.36
C TYR A 480 21.51 -14.98 -7.46
N LEU A 481 21.59 -13.82 -8.09
CA LEU A 481 22.51 -13.60 -9.20
C LEU A 481 23.74 -12.88 -8.68
N ALA A 482 24.92 -13.44 -8.97
CA ALA A 482 26.18 -12.81 -8.61
C ALA A 482 27.05 -12.70 -9.86
N SER A 483 27.37 -11.47 -10.26
CA SER A 483 28.06 -11.26 -11.52
C SER A 483 29.15 -10.20 -11.41
N LYS A 484 30.20 -10.39 -12.21
CA LYS A 484 31.30 -9.46 -12.35
C LYS A 484 31.18 -8.62 -13.61
N GLY A 485 30.14 -8.85 -14.40
CA GLY A 485 29.87 -8.01 -15.54
C GLY A 485 28.40 -7.65 -15.48
N ASN A 486 27.83 -7.25 -16.61
CA ASN A 486 26.44 -6.82 -16.62
C ASN A 486 25.52 -8.02 -16.67
N ILE A 487 24.24 -7.74 -16.48
CA ILE A 487 23.18 -8.72 -16.63
C ILE A 487 22.28 -8.24 -17.77
N THR A 488 22.00 -9.13 -18.72
CA THR A 488 21.25 -8.75 -19.91
C THR A 488 20.17 -9.76 -20.18
N PHE A 489 18.93 -9.32 -20.22
CA PHE A 489 17.80 -10.15 -20.57
C PHE A 489 17.32 -9.68 -21.94
N SER A 490 17.82 -10.36 -22.98
CA SER A 490 17.55 -9.97 -24.37
C SER A 490 16.18 -10.40 -24.85
N ASN A 491 15.58 -11.37 -24.19
CA ASN A 491 14.34 -11.99 -24.57
C ASN A 491 13.63 -12.44 -23.29
N PRO A 492 13.32 -11.51 -22.38
CA PRO A 492 12.84 -11.93 -21.05
C PRO A 492 11.62 -12.85 -21.05
N THR A 493 10.76 -12.82 -22.07
CA THR A 493 9.57 -13.68 -22.04
C THR A 493 9.92 -15.18 -22.10
N SER A 494 11.15 -15.49 -22.49
CA SER A 494 11.70 -16.85 -22.42
C SER A 494 11.95 -17.34 -21.00
N LEU A 495 12.04 -16.45 -20.00
CA LEU A 495 12.26 -16.89 -18.61
C LEU A 495 10.92 -17.18 -17.94
N PRO A 496 10.82 -18.24 -17.13
CA PRO A 496 9.55 -18.51 -16.45
C PRO A 496 9.25 -17.50 -15.36
N LEU A 497 10.22 -16.64 -15.05
CA LEU A 497 10.03 -15.54 -14.11
C LEU A 497 9.22 -14.40 -14.71
N TYR A 498 9.01 -14.41 -16.02
CA TYR A 498 8.25 -13.35 -16.69
C TYR A 498 6.77 -13.54 -16.40
N ASN A 499 6.12 -12.47 -15.94
CA ASN A 499 4.70 -12.43 -15.68
C ASN A 499 4.05 -11.69 -16.83
N PRO A 500 3.21 -12.35 -17.65
CA PRO A 500 2.62 -11.64 -18.79
C PRO A 500 1.57 -10.64 -18.37
N THR A 501 0.94 -10.85 -17.21
CA THR A 501 -0.07 -9.92 -16.72
C THR A 501 0.54 -8.58 -16.34
N THR A 502 1.66 -8.59 -15.60
CA THR A 502 2.31 -7.33 -15.23
C THR A 502 3.38 -6.89 -16.22
N GLY A 503 3.74 -7.72 -17.21
CA GLY A 503 4.82 -7.38 -18.11
C GLY A 503 6.17 -7.26 -17.44
N LYS A 504 6.39 -7.98 -16.34
CA LYS A 504 7.62 -7.86 -15.58
C LYS A 504 8.29 -9.21 -15.35
N LEU A 505 9.60 -9.23 -15.42
CA LEU A 505 10.40 -10.30 -14.87
C LEU A 505 10.39 -10.21 -13.34
N VAL A 506 9.88 -11.22 -12.66
CA VAL A 506 9.78 -11.19 -11.20
C VAL A 506 10.91 -12.06 -10.61
N ILE A 507 11.98 -11.43 -10.16
CA ILE A 507 13.07 -12.13 -9.51
C ILE A 507 12.91 -12.01 -8.01
N GLU A 508 12.74 -13.14 -7.33
CA GLU A 508 12.67 -13.20 -5.87
C GLU A 508 14.00 -13.71 -5.36
N GLY A 509 14.75 -12.86 -4.63
CA GLY A 509 16.08 -13.21 -4.15
C GLY A 509 16.95 -11.98 -4.00
N ALA A 510 18.04 -11.85 -4.77
CA ALA A 510 18.92 -10.70 -4.63
C ALA A 510 19.96 -10.74 -5.73
N ILE A 511 20.61 -9.60 -5.96
CA ILE A 511 21.57 -9.41 -7.04
C ILE A 511 22.84 -8.81 -6.44
N ILE A 512 23.96 -9.51 -6.59
CA ILE A 512 25.26 -9.03 -6.14
C ILE A 512 26.12 -8.79 -7.37
N THR A 513 26.62 -7.59 -7.52
CA THR A 513 27.40 -7.24 -8.69
C THR A 513 28.76 -6.76 -8.23
N LEU A 514 29.80 -7.22 -8.92
CA LEU A 514 31.16 -7.04 -8.44
C LEU A 514 32.03 -6.23 -9.37
N GLY A 515 31.57 -5.93 -10.58
CA GLY A 515 32.36 -5.12 -11.47
C GLY A 515 32.34 -3.65 -11.10
N SER A 516 33.37 -2.94 -11.57
CA SER A 516 33.44 -1.49 -11.39
C SER A 516 32.17 -0.80 -11.87
N THR A 517 31.65 -1.23 -13.01
CA THR A 517 30.43 -0.71 -13.56
C THR A 517 29.44 -1.87 -13.74
N PHE A 518 28.14 -1.57 -13.62
CA PHE A 518 27.13 -2.62 -13.73
C PHE A 518 25.85 -2.07 -14.35
N ASN A 519 25.38 -2.70 -15.43
CA ASN A 519 24.14 -2.36 -16.10
C ASN A 519 23.21 -3.56 -16.12
N ILE A 520 21.95 -3.36 -15.75
CA ILE A 520 20.89 -4.30 -16.09
C ILE A 520 20.28 -3.80 -17.39
N ASN A 521 20.15 -4.69 -18.36
CA ASN A 521 19.51 -4.38 -19.62
C ASN A 521 18.45 -5.41 -19.89
N ILE A 522 17.31 -4.97 -20.42
CA ILE A 522 16.22 -5.88 -20.71
C ILE A 522 15.38 -5.24 -21.80
N SER A 523 14.81 -6.08 -22.67
CA SER A 523 14.08 -5.65 -23.84
C SER A 523 12.59 -5.94 -23.64
N GLY A 524 11.79 -4.88 -23.59
CA GLY A 524 10.34 -5.04 -23.59
C GLY A 524 9.73 -5.56 -22.31
N ALA A 525 10.31 -5.27 -21.14
CA ALA A 525 9.73 -5.70 -19.88
C ALA A 525 10.43 -4.99 -18.72
N GLY A 526 9.72 -4.84 -17.61
CA GLY A 526 10.30 -4.34 -16.39
C GLY A 526 10.72 -5.45 -15.44
N ILE A 527 11.56 -5.09 -14.47
CA ILE A 527 12.01 -5.99 -13.42
C ILE A 527 11.25 -5.65 -12.15
N GLU A 528 10.74 -6.66 -11.48
CA GLU A 528 10.23 -6.53 -10.12
C GLU A 528 11.12 -7.44 -9.28
N LEU A 529 12.11 -6.87 -8.60
CA LEU A 529 13.03 -7.64 -7.75
C LEU A 529 12.51 -7.62 -6.32
N ILE A 530 12.03 -8.76 -5.85
CA ILE A 530 11.48 -8.87 -4.50
C ILE A 530 12.55 -9.49 -3.61
N TYR A 531 13.07 -8.72 -2.65
CA TYR A 531 14.13 -9.25 -1.80
C TYR A 531 13.64 -10.45 -1.00
N LYS A 532 14.44 -11.51 -0.99
CA LYS A 532 14.20 -12.67 -0.13
C LYS A 532 15.56 -13.13 0.40
N ARG A 533 15.74 -13.06 1.73
CA ARG A 533 17.00 -13.46 2.33
C ARG A 533 17.31 -14.92 2.03
N ALA A 534 18.55 -15.19 1.65
CA ALA A 534 18.95 -16.53 1.26
C ALA A 534 19.06 -17.47 2.45
N GLY A 535 18.75 -18.74 2.20
CA GLY A 535 19.05 -19.80 3.16
C GLY A 535 20.55 -20.06 3.27
N SER A 536 20.89 -20.98 4.17
CA SER A 536 22.28 -21.06 4.61
C SER A 536 23.18 -21.70 3.56
N THR A 537 22.68 -22.72 2.84
CA THR A 537 23.41 -23.30 1.72
C THR A 537 23.83 -22.22 0.75
N ILE A 538 22.92 -21.29 0.44
CA ILE A 538 23.23 -20.24 -0.51
C ILE A 538 24.18 -19.23 0.13
N GLU A 539 23.96 -18.87 1.40
CA GLU A 539 24.89 -17.96 2.06
C GLU A 539 26.29 -18.56 2.14
N SER A 540 26.38 -19.83 2.54
CA SER A 540 27.67 -20.50 2.61
C SER A 540 28.36 -20.47 1.25
N SER A 541 27.62 -20.68 0.17
CA SER A 541 28.22 -20.61 -1.16
C SER A 541 28.75 -19.21 -1.45
N ILE A 542 27.98 -18.17 -1.15
CA ILE A 542 28.39 -16.80 -1.41
C ILE A 542 29.54 -16.40 -0.49
N THR A 543 29.42 -16.73 0.80
CA THR A 543 30.48 -16.40 1.74
C THR A 543 31.79 -17.03 1.30
N SER A 544 31.73 -18.30 0.89
CA SER A 544 32.92 -18.97 0.38
C SER A 544 33.44 -18.30 -0.88
N THR A 545 32.56 -18.03 -1.85
CA THR A 545 32.98 -17.51 -3.15
C THR A 545 33.65 -16.14 -3.04
N LEU A 546 33.04 -15.23 -2.26
CA LEU A 546 33.59 -13.87 -2.10
C LEU A 546 34.60 -13.75 -0.98
N ASN A 547 34.86 -14.81 -0.22
CA ASN A 547 35.72 -14.76 0.96
C ASN A 547 35.24 -13.65 1.87
N TYR A 548 33.97 -13.79 2.27
CA TYR A 548 33.23 -12.75 2.96
C TYR A 548 33.31 -12.99 4.46
N ILE A 549 33.57 -11.94 5.22
CA ILE A 549 33.59 -11.99 6.67
C ILE A 549 32.52 -11.04 7.21
N PRO A 550 31.39 -11.58 7.66
CA PRO A 550 30.33 -10.72 8.21
C PRO A 550 30.80 -10.00 9.46
N PRO A 551 30.44 -8.72 9.60
CA PRO A 551 31.00 -7.86 10.67
C PRO A 551 30.64 -8.31 12.08
N PRO A 552 29.33 -8.42 12.43
CA PRO A 552 28.80 -8.35 13.81
C PRO A 552 29.77 -7.92 14.90
N SER B 199 -5.52 7.34 9.52
CA SER B 199 -5.00 6.62 8.35
C SER B 199 -4.63 5.14 8.61
N SER B 200 -5.50 4.38 9.29
CA SER B 200 -5.35 2.93 9.42
C SER B 200 -6.63 2.20 9.02
N TRP B 201 -7.24 2.70 7.95
CA TRP B 201 -7.90 1.91 6.92
C TRP B 201 -6.91 1.45 5.85
N ASN B 202 -5.72 2.07 5.80
CA ASN B 202 -4.70 1.68 4.85
C ASN B 202 -3.91 0.46 5.29
N ASP B 203 -4.28 -0.14 6.42
CA ASP B 203 -3.54 -1.25 7.01
C ASP B 203 -4.26 -2.57 6.72
N LEU B 204 -3.63 -3.40 5.87
CA LEU B 204 -4.18 -4.70 5.50
C LEU B 204 -4.72 -5.47 6.71
N PHE B 205 -4.01 -5.42 7.83
CA PHE B 205 -4.37 -6.22 8.98
C PHE B 205 -5.48 -5.61 9.83
N GLU B 206 -6.05 -4.46 9.44
CA GLU B 206 -7.28 -4.03 10.09
C GLU B 206 -8.49 -4.73 9.52
N TYR B 207 -8.33 -5.53 8.48
CA TYR B 207 -9.46 -5.93 7.67
C TYR B 207 -9.99 -7.31 8.07
N ALA B 208 -11.30 -7.35 8.34
CA ALA B 208 -11.99 -8.61 8.46
C ALA B 208 -12.15 -9.25 7.09
N VAL B 209 -12.52 -8.43 6.09
CA VAL B 209 -12.61 -8.89 4.71
C VAL B 209 -11.81 -7.95 3.82
N TYR B 210 -10.76 -8.48 3.21
CA TYR B 210 -9.92 -7.78 2.25
C TYR B 210 -9.97 -8.59 0.96
N SER B 211 -10.73 -8.12 -0.02
CA SER B 211 -10.81 -8.77 -1.32
C SER B 211 -10.09 -7.89 -2.31
N ARG B 212 -9.06 -8.46 -2.96
CA ARG B 212 -8.38 -7.75 -4.04
C ARG B 212 -9.29 -7.55 -5.23
N GLY B 213 -10.10 -8.55 -5.55
CA GLY B 213 -11.14 -8.45 -6.57
C GLY B 213 -12.50 -8.17 -5.96
N SER B 214 -13.51 -8.82 -6.49
CA SER B 214 -14.84 -8.61 -5.94
C SER B 214 -15.00 -9.35 -4.63
N PHE B 215 -16.02 -8.95 -3.87
CA PHE B 215 -16.42 -9.62 -2.63
C PHE B 215 -17.89 -9.95 -2.78
N LEU B 216 -18.21 -11.24 -2.98
CA LEU B 216 -19.59 -11.69 -3.21
C LEU B 216 -19.95 -12.67 -2.09
N PRO B 217 -20.42 -12.16 -0.96
CA PRO B 217 -20.73 -13.04 0.19
C PRO B 217 -22.05 -13.77 0.03
N ASN B 218 -22.14 -14.86 0.79
CA ASN B 218 -23.34 -15.69 0.86
C ASN B 218 -24.49 -14.94 1.50
N TYR B 219 -25.70 -15.41 1.20
CA TYR B 219 -26.88 -15.04 1.97
C TYR B 219 -26.63 -15.35 3.45
N LYS B 220 -27.05 -14.41 4.30
CA LYS B 220 -26.87 -14.49 5.76
C LYS B 220 -25.38 -14.51 6.13
N PHE B 221 -24.76 -13.36 5.91
CA PHE B 221 -23.36 -13.13 6.24
C PHE B 221 -23.30 -11.99 7.23
N THR B 222 -22.64 -12.22 8.36
CA THR B 222 -22.50 -11.19 9.38
C THR B 222 -21.03 -11.06 9.73
N VAL B 223 -20.50 -9.86 9.59
CA VAL B 223 -19.14 -9.58 10.04
C VAL B 223 -19.22 -8.58 11.18
N ARG B 224 -18.46 -8.85 12.25
CA ARG B 224 -18.42 -8.00 13.43
C ARG B 224 -17.00 -7.48 13.62
N GLY B 225 -16.85 -6.14 13.61
CA GLY B 225 -15.56 -5.51 13.81
C GLY B 225 -14.72 -5.51 12.53
N GLY B 226 -13.50 -4.97 12.66
CA GLY B 226 -12.62 -4.90 11.50
C GLY B 226 -13.16 -3.97 10.43
N SER B 227 -12.60 -4.10 9.24
CA SER B 227 -13.01 -3.31 8.09
C SER B 227 -13.22 -4.23 6.90
N ILE B 228 -13.86 -3.69 5.87
CA ILE B 228 -14.11 -4.40 4.63
C ILE B 228 -13.52 -3.59 3.50
N TYR B 229 -12.68 -4.23 2.70
CA TYR B 229 -12.17 -3.63 1.47
C TYR B 229 -12.47 -4.55 0.31
N SER B 230 -12.89 -3.97 -0.81
CA SER B 230 -12.93 -4.69 -2.06
C SER B 230 -12.33 -3.83 -3.16
N GLY B 231 -11.53 -4.46 -4.01
CA GLY B 231 -11.02 -3.75 -5.17
C GLY B 231 -11.95 -3.72 -6.38
N GLU B 232 -13.00 -4.54 -6.39
CA GLU B 232 -13.97 -4.48 -7.46
C GLU B 232 -15.38 -4.41 -6.93
N ARG B 233 -16.28 -5.17 -7.52
CA ARG B 233 -17.68 -5.15 -7.14
C ARG B 233 -17.89 -5.73 -5.75
N ILE B 234 -18.79 -5.13 -4.97
CA ILE B 234 -19.34 -5.73 -3.77
C ILE B 234 -20.83 -5.97 -3.99
N GLN B 235 -21.27 -7.21 -3.90
CA GLN B 235 -22.69 -7.50 -4.07
C GLN B 235 -23.12 -8.50 -3.01
N THR B 236 -24.26 -8.20 -2.35
CA THR B 236 -24.82 -9.05 -1.31
C THR B 236 -26.09 -9.73 -1.81
N GLN B 237 -26.31 -10.95 -1.35
CA GLN B 237 -27.52 -11.69 -1.69
C GLN B 237 -28.64 -11.52 -0.66
N GLY B 238 -28.45 -10.69 0.36
CA GLY B 238 -29.48 -10.57 1.37
C GLY B 238 -29.04 -10.95 2.77
N GLU B 239 -29.63 -10.28 3.76
CA GLU B 239 -29.35 -10.59 5.15
C GLU B 239 -27.86 -10.38 5.46
N PHE B 240 -27.28 -9.35 4.84
CA PHE B 240 -25.88 -9.01 5.00
C PHE B 240 -25.75 -8.00 6.14
N LYS B 241 -25.06 -8.38 7.21
CA LYS B 241 -25.00 -7.54 8.40
C LYS B 241 -23.55 -7.22 8.75
N ALA B 242 -23.22 -5.93 8.75
CA ALA B 242 -21.91 -5.43 9.19
C ALA B 242 -22.14 -4.73 10.52
N ILE B 243 -21.55 -5.26 11.58
CA ILE B 243 -21.85 -4.82 12.93
C ILE B 243 -20.56 -4.29 13.56
N GLY B 244 -20.56 -3.01 13.91
CA GLY B 244 -19.39 -2.37 14.49
C GLY B 244 -18.17 -2.41 13.60
N VAL B 245 -18.37 -2.34 12.29
CA VAL B 245 -17.28 -2.27 11.34
C VAL B 245 -16.76 -0.84 11.27
N ASN B 246 -15.43 -0.69 11.17
CA ASN B 246 -14.84 0.65 11.10
C ASN B 246 -14.95 1.25 9.69
N ASN B 247 -14.40 0.57 8.69
CA ASN B 247 -14.46 1.12 7.35
C ASN B 247 -14.96 0.08 6.37
N LEU B 248 -15.69 0.57 5.37
CA LEU B 248 -15.99 -0.17 4.16
C LEU B 248 -15.45 0.66 3.00
N ILE B 249 -14.47 0.11 2.28
CA ILE B 249 -13.88 0.79 1.14
C ILE B 249 -14.07 -0.08 -0.08
N CYS B 250 -14.75 0.44 -1.09
CA CYS B 250 -14.89 -0.23 -2.38
C CYS B 250 -14.26 0.64 -3.45
N LYS B 251 -13.12 0.21 -3.97
CA LYS B 251 -12.45 0.90 -5.08
C LYS B 251 -12.94 0.41 -6.43
N GLY B 252 -13.98 -0.42 -6.47
CA GLY B 252 -14.52 -0.91 -7.70
C GLY B 252 -15.75 -0.13 -8.13
N PRO B 253 -16.42 -0.61 -9.19
CA PRO B 253 -17.47 0.19 -9.83
C PRO B 253 -18.88 0.11 -9.24
N GLU B 254 -19.18 -0.80 -8.31
CA GLU B 254 -20.52 -0.83 -7.76
C GLU B 254 -20.52 -1.58 -6.43
N VAL B 255 -21.36 -1.12 -5.52
CA VAL B 255 -21.79 -1.87 -4.36
C VAL B 255 -23.29 -2.09 -4.49
N ILE B 256 -23.70 -3.34 -4.70
CA ILE B 256 -25.12 -3.68 -4.87
C ILE B 256 -25.61 -4.46 -3.67
N VAL B 257 -26.67 -3.98 -3.02
CA VAL B 257 -27.25 -4.59 -1.83
C VAL B 257 -28.62 -5.13 -2.19
N ASN B 258 -28.78 -6.45 -2.18
CA ASN B 258 -30.06 -7.05 -2.53
C ASN B 258 -30.69 -7.72 -1.32
N GLY B 259 -32.00 -7.97 -1.43
CA GLY B 259 -32.74 -8.68 -0.41
C GLY B 259 -33.13 -7.79 0.76
N GLY B 260 -33.55 -8.45 1.84
CA GLY B 260 -33.99 -7.78 3.04
C GLY B 260 -33.06 -8.09 4.21
N GLY B 261 -33.28 -7.36 5.31
CA GLY B 261 -32.49 -7.57 6.51
C GLY B 261 -31.03 -7.27 6.36
N ASN B 262 -30.65 -6.48 5.37
CA ASN B 262 -29.29 -5.98 5.35
C ASN B 262 -29.19 -4.88 6.38
N SER B 263 -28.12 -4.91 7.17
CA SER B 263 -27.96 -4.01 8.32
C SER B 263 -26.48 -3.64 8.38
N ILE B 264 -26.14 -2.44 7.98
CA ILE B 264 -24.75 -2.05 7.79
C ILE B 264 -24.44 -0.92 8.76
N GLU B 265 -23.47 -1.16 9.63
CA GLU B 265 -23.00 -0.15 10.59
C GLU B 265 -21.53 0.16 10.32
N ILE B 266 -21.25 1.38 9.86
CA ILE B 266 -19.89 1.85 9.60
C ILE B 266 -19.53 2.94 10.61
N LYS B 267 -18.57 2.66 11.49
CA LYS B 267 -18.24 3.61 12.54
C LYS B 267 -17.38 4.76 12.06
N GLU B 268 -16.64 4.59 10.96
CA GLU B 268 -15.78 5.66 10.46
C GLU B 268 -16.13 5.97 9.01
N ILE B 269 -15.31 5.51 8.05
CA ILE B 269 -15.43 5.90 6.64
C ILE B 269 -16.02 4.75 5.83
N MET B 270 -17.06 5.06 5.05
CA MET B 270 -17.55 4.19 3.98
C MET B 270 -17.22 4.89 2.66
N TYR B 271 -16.35 4.29 1.88
CA TYR B 271 -15.87 4.88 0.64
C TYR B 271 -16.43 4.08 -0.53
N ILE B 272 -17.26 4.74 -1.36
CA ILE B 272 -17.83 4.13 -2.55
C ILE B 272 -17.20 4.80 -3.76
N GLN B 273 -16.33 4.08 -4.46
CA GLN B 273 -15.62 4.67 -5.60
C GLN B 273 -16.57 5.20 -6.66
N ASN B 274 -17.64 4.46 -6.96
CA ASN B 274 -18.56 4.91 -7.99
C ASN B 274 -20.03 4.96 -7.56
N LYS B 275 -20.61 3.80 -7.25
CA LYS B 275 -22.05 3.64 -7.19
C LYS B 275 -22.39 2.81 -5.98
N LEU B 276 -23.27 3.31 -5.12
CA LEU B 276 -23.86 2.48 -4.08
C LEU B 276 -25.34 2.33 -4.41
N VAL B 277 -25.83 1.09 -4.39
CA VAL B 277 -27.23 0.86 -4.72
C VAL B 277 -27.84 -0.15 -3.74
N PHE B 278 -28.86 0.28 -3.00
CA PHE B 278 -29.72 -0.62 -2.23
C PHE B 278 -30.96 -0.94 -3.07
N ASN B 279 -31.02 -2.14 -3.60
CA ASN B 279 -32.25 -2.54 -4.27
C ASN B 279 -33.38 -2.74 -3.24
N GLY B 280 -34.59 -2.89 -3.76
CA GLY B 280 -35.76 -2.89 -2.90
C GLY B 280 -35.74 -4.04 -1.92
N ALA B 281 -36.14 -3.74 -0.69
CA ALA B 281 -36.27 -4.73 0.35
C ALA B 281 -37.73 -4.73 0.80
N PRO B 282 -38.26 -5.87 1.21
CA PRO B 282 -39.69 -5.96 1.47
C PRO B 282 -40.10 -5.31 2.79
N ASN B 283 -41.30 -4.76 2.77
CA ASN B 283 -42.10 -4.30 3.92
C ASN B 283 -41.78 -4.99 5.25
N THR B 284 -41.58 -6.31 5.22
CA THR B 284 -41.50 -7.15 6.40
C THR B 284 -40.07 -7.44 6.86
N ASN B 285 -39.06 -7.07 6.08
CA ASN B 285 -37.67 -7.31 6.45
C ASN B 285 -36.84 -6.16 5.91
N PRO B 286 -37.00 -4.96 6.47
CA PRO B 286 -36.38 -3.76 5.90
C PRO B 286 -34.85 -3.73 6.08
N ASN B 287 -34.21 -2.82 5.35
CA ASN B 287 -32.77 -2.59 5.45
C ASN B 287 -32.46 -1.54 6.52
N THR B 288 -31.19 -1.47 6.91
CA THR B 288 -30.71 -0.49 7.88
C THR B 288 -29.30 -0.07 7.53
N LEU B 289 -29.07 1.23 7.48
CA LEU B 289 -27.72 1.77 7.29
C LEU B 289 -27.46 2.79 8.38
N ASN B 290 -26.24 2.70 8.98
CA ASN B 290 -25.78 3.57 10.06
C ASN B 290 -24.30 3.86 9.83
N ALA B 291 -24.01 4.84 8.99
CA ALA B 291 -22.65 5.18 8.65
C ALA B 291 -22.26 6.53 9.24
N ASN B 292 -21.05 6.60 9.79
CA ASN B 292 -20.46 7.88 10.16
C ASN B 292 -20.20 8.73 8.92
N LYS B 293 -19.26 8.32 8.07
CA LYS B 293 -18.90 9.05 6.87
C LYS B 293 -19.17 8.20 5.63
N ILE B 294 -19.87 8.79 4.64
CA ILE B 294 -20.07 8.13 3.35
C ILE B 294 -19.53 9.06 2.28
N TYR B 295 -18.75 8.51 1.35
CA TYR B 295 -18.43 9.20 0.12
C TYR B 295 -18.73 8.29 -1.06
N THR B 296 -19.42 8.82 -2.07
CA THR B 296 -19.58 8.13 -3.32
C THR B 296 -19.08 9.02 -4.45
N GLY B 297 -18.67 8.36 -5.53
CA GLY B 297 -18.29 9.05 -6.75
C GLY B 297 -19.50 9.30 -7.63
N LEU B 298 -19.25 9.40 -8.93
CA LEU B 298 -20.23 9.93 -9.86
C LEU B 298 -21.50 9.09 -9.92
N GLY B 299 -21.41 7.79 -9.64
CA GLY B 299 -22.60 6.96 -9.69
C GLY B 299 -23.63 7.27 -8.63
N GLY B 300 -23.24 8.02 -7.58
CA GLY B 300 -24.15 8.40 -6.53
C GLY B 300 -24.55 7.25 -5.63
N MET B 301 -25.76 7.34 -5.09
CA MET B 301 -26.22 6.44 -4.06
C MET B 301 -27.73 6.31 -4.14
N GLU B 302 -28.21 5.12 -4.46
CA GLU B 302 -29.63 4.86 -4.65
C GLU B 302 -30.15 4.13 -3.43
N LEU B 303 -30.97 4.82 -2.62
CA LEU B 303 -31.52 4.27 -1.40
C LEU B 303 -33.00 3.93 -1.64
N ASN B 304 -33.23 2.73 -2.19
CA ASN B 304 -34.58 2.22 -2.31
C ASN B 304 -35.07 1.72 -0.95
N GLY B 305 -36.38 1.58 -0.86
CA GLY B 305 -37.05 1.66 0.41
C GLY B 305 -37.53 0.35 0.99
N TYR B 306 -38.30 0.52 2.06
CA TYR B 306 -38.35 -0.33 3.22
C TYR B 306 -36.92 -0.40 3.71
N GLY B 307 -36.54 0.68 4.39
CA GLY B 307 -35.22 0.88 4.96
C GLY B 307 -35.06 2.23 5.63
N TYR B 308 -34.34 2.24 6.74
CA TYR B 308 -33.94 3.46 7.44
C TYR B 308 -32.45 3.58 7.30
N TYR B 309 -32.00 4.64 6.61
CA TYR B 309 -30.62 4.88 6.23
C TYR B 309 -30.13 6.17 6.89
N LYS B 310 -29.04 6.08 7.66
CA LYS B 310 -28.50 7.21 8.43
C LYS B 310 -27.04 7.43 8.06
N ALA B 311 -26.66 8.69 7.85
CA ALA B 311 -25.27 9.05 7.60
C ALA B 311 -24.98 10.33 8.33
N ASN B 312 -23.90 10.38 9.10
CA ASN B 312 -23.65 11.62 9.79
C ASN B 312 -23.07 12.66 8.83
N GLU B 313 -22.19 12.23 7.93
CA GLU B 313 -21.64 13.03 6.85
C GLU B 313 -21.82 12.25 5.55
N ILE B 314 -22.36 12.89 4.51
CA ILE B 314 -22.49 12.29 3.19
C ILE B 314 -21.91 13.25 2.15
N TYR B 315 -20.95 12.75 1.38
CA TYR B 315 -20.36 13.47 0.26
C TYR B 315 -20.56 12.64 -1.00
N SER B 316 -21.06 13.27 -2.06
CA SER B 316 -21.30 12.52 -3.28
C SER B 316 -21.06 13.40 -4.50
N ASP B 317 -20.30 12.87 -5.46
CA ASP B 317 -20.16 13.48 -6.77
C ASP B 317 -21.31 13.15 -7.69
N GLY B 318 -22.29 12.40 -7.22
CA GLY B 318 -23.39 11.98 -8.06
C GLY B 318 -24.72 12.37 -7.46
N GLU B 319 -25.74 11.60 -7.82
CA GLU B 319 -27.09 11.84 -7.34
C GLU B 319 -27.41 10.90 -6.19
N VAL B 320 -27.95 11.45 -5.10
CA VAL B 320 -28.48 10.64 -4.02
C VAL B 320 -29.98 10.48 -4.27
N GLN B 321 -30.43 9.28 -4.65
CA GLN B 321 -31.85 8.99 -4.80
C GLN B 321 -32.40 8.34 -3.54
N VAL B 322 -33.51 8.87 -3.03
CA VAL B 322 -34.22 8.27 -1.92
C VAL B 322 -35.63 8.03 -2.42
N LYS B 323 -35.98 6.78 -2.71
CA LYS B 323 -37.28 6.49 -3.31
C LYS B 323 -37.83 5.15 -2.84
N ASN B 324 -39.08 4.90 -3.26
CA ASN B 324 -39.83 3.69 -2.94
C ASN B 324 -39.85 3.44 -1.44
N TYR B 325 -40.20 4.49 -0.68
CA TYR B 325 -40.41 4.48 0.76
C TYR B 325 -39.11 4.42 1.55
N GLY B 326 -37.99 4.79 0.95
CA GLY B 326 -36.75 4.84 1.71
C GLY B 326 -36.73 6.02 2.66
N ASN B 327 -36.20 5.78 3.85
CA ASN B 327 -35.97 6.83 4.83
C ASN B 327 -34.48 7.17 4.88
N PHE B 328 -34.15 8.45 4.76
CA PHE B 328 -32.76 8.89 4.80
C PHE B 328 -32.63 10.03 5.80
N GLU B 329 -31.69 9.91 6.73
CA GLU B 329 -31.40 10.95 7.72
C GLU B 329 -29.97 11.41 7.54
N ILE B 330 -29.77 12.73 7.58
CA ILE B 330 -28.45 13.35 7.51
C ILE B 330 -28.16 13.98 8.87
N GLY B 331 -27.10 13.51 9.53
CA GLY B 331 -26.85 13.88 10.90
C GLY B 331 -26.10 15.18 11.12
N SER B 332 -25.17 15.50 10.22
CA SER B 332 -24.30 16.65 10.46
C SER B 332 -24.05 17.49 9.21
N ILE B 333 -23.58 16.89 8.12
CA ILE B 333 -23.33 17.66 6.90
C ILE B 333 -23.55 16.78 5.68
N GLY B 334 -24.13 17.35 4.64
CA GLY B 334 -24.14 16.72 3.34
C GLY B 334 -23.58 17.66 2.29
N ILE B 335 -22.79 17.11 1.37
CA ILE B 335 -22.41 17.84 0.16
C ILE B 335 -22.57 16.91 -1.04
N VAL B 336 -23.63 17.11 -1.81
CA VAL B 336 -23.97 16.21 -2.91
C VAL B 336 -24.27 17.03 -4.15
N LYS B 337 -24.02 16.44 -5.32
CA LYS B 337 -24.34 17.12 -6.56
C LYS B 337 -25.85 17.20 -6.81
N LYS B 338 -26.62 16.27 -6.25
CA LYS B 338 -28.07 16.30 -6.42
C LYS B 338 -28.69 15.43 -5.35
N LEU B 339 -29.84 15.87 -4.85
CA LEU B 339 -30.70 15.07 -3.98
C LEU B 339 -32.05 14.91 -4.65
N THR B 340 -32.49 13.67 -4.81
CA THR B 340 -33.75 13.37 -5.46
C THR B 340 -34.58 12.49 -4.55
N VAL B 341 -35.78 12.95 -4.23
CA VAL B 341 -36.66 12.26 -3.28
C VAL B 341 -37.98 12.05 -4.00
N THR B 342 -38.19 10.85 -4.53
CA THR B 342 -39.35 10.51 -5.32
C THR B 342 -39.98 9.24 -4.77
N ASP B 343 -41.16 8.92 -5.31
CA ASP B 343 -41.88 7.68 -5.04
C ASP B 343 -41.88 7.35 -3.54
N ASN B 344 -42.36 8.30 -2.74
CA ASN B 344 -42.65 8.11 -1.33
C ASN B 344 -41.40 8.05 -0.46
N GLY B 345 -40.23 8.37 -0.99
CA GLY B 345 -39.05 8.51 -0.15
C GLY B 345 -39.20 9.64 0.86
N ARG B 346 -38.34 9.61 1.86
CA ARG B 346 -38.23 10.70 2.82
C ARG B 346 -36.76 10.95 3.13
N THR B 347 -36.37 12.22 3.15
CA THR B 347 -35.05 12.63 3.59
C THR B 347 -35.21 13.68 4.68
N THR B 348 -34.58 13.46 5.82
CA THR B 348 -34.74 14.33 6.96
C THR B 348 -33.40 14.98 7.25
N ILE B 349 -33.39 16.31 7.31
CA ILE B 349 -32.18 17.06 7.60
C ILE B 349 -32.19 17.30 9.10
N LYS B 350 -31.37 16.53 9.80
CA LYS B 350 -31.48 16.49 11.26
C LYS B 350 -31.04 17.80 11.89
N SER B 351 -31.59 18.07 13.07
CA SER B 351 -31.39 19.32 13.76
C SER B 351 -29.90 19.61 13.94
N GLY B 352 -29.45 20.76 13.42
CA GLY B 352 -28.06 21.16 13.50
C GLY B 352 -27.21 20.83 12.29
N ALA B 353 -27.77 20.11 11.32
CA ALA B 353 -27.04 19.73 10.12
C ALA B 353 -27.35 20.68 8.97
N THR B 354 -26.44 20.72 7.99
CA THR B 354 -26.65 21.43 6.74
C THR B 354 -26.45 20.46 5.58
N LEU B 355 -27.36 20.49 4.62
CA LEU B 355 -27.17 19.80 3.35
C LEU B 355 -26.89 20.84 2.29
N TYR B 356 -25.77 20.70 1.60
CA TYR B 356 -25.46 21.51 0.44
C TYR B 356 -25.64 20.62 -0.78
N CYS B 357 -26.55 20.99 -1.66
CA CYS B 357 -26.73 20.23 -2.89
C CYS B 357 -26.85 21.16 -4.08
N ASP B 358 -26.18 20.80 -5.18
CA ASP B 358 -26.33 21.57 -6.41
C ASP B 358 -27.80 21.59 -6.85
N GLN B 359 -28.42 20.42 -6.93
CA GLN B 359 -29.81 20.32 -7.35
C GLN B 359 -30.66 19.60 -6.29
N LEU B 360 -31.92 20.00 -6.21
CA LEU B 360 -32.86 19.41 -5.26
C LEU B 360 -34.14 19.10 -6.02
N GLU B 361 -34.57 17.84 -5.97
CA GLU B 361 -35.75 17.45 -6.73
C GLU B 361 -36.62 16.51 -5.93
N VAL B 362 -37.91 16.82 -5.88
CA VAL B 362 -38.91 16.07 -5.11
C VAL B 362 -40.12 15.85 -6.01
N ARG B 363 -40.50 14.58 -6.18
CA ARG B 363 -41.61 14.19 -7.04
C ARG B 363 -42.45 13.15 -6.31
N ASN B 364 -43.54 12.74 -6.96
CA ASN B 364 -44.34 11.57 -6.60
C ASN B 364 -44.35 11.28 -5.10
N ASN B 365 -44.81 12.24 -4.31
CA ASN B 365 -45.07 12.13 -2.87
C ASN B 365 -43.82 12.01 -2.03
N GLY B 366 -42.64 12.24 -2.59
CA GLY B 366 -41.45 12.39 -1.76
C GLY B 366 -41.63 13.51 -0.76
N ARG B 367 -40.92 13.41 0.35
CA ARG B 367 -40.91 14.42 1.39
C ARG B 367 -39.47 14.77 1.73
N VAL B 368 -39.19 16.06 1.84
CA VAL B 368 -37.99 16.54 2.52
C VAL B 368 -38.44 17.26 3.78
N PHE B 369 -37.83 16.91 4.90
CA PHE B 369 -38.16 17.50 6.20
C PHE B 369 -36.90 18.13 6.78
N ILE B 370 -36.97 19.42 7.08
CA ILE B 370 -35.85 20.13 7.70
C ILE B 370 -36.24 20.45 9.13
N GLU B 371 -35.47 19.96 10.08
CA GLU B 371 -35.79 20.17 11.48
C GLU B 371 -35.35 21.56 11.92
N ALA B 372 -35.85 21.97 13.09
CA ALA B 372 -35.38 23.20 13.73
C ALA B 372 -33.87 23.19 13.86
N GLY B 373 -33.23 24.31 13.51
CA GLY B 373 -31.78 24.42 13.56
C GLY B 373 -31.04 23.83 12.39
N ALA B 374 -31.73 23.17 11.47
CA ALA B 374 -31.13 22.56 10.29
C ALA B 374 -31.33 23.45 9.06
N THR B 375 -30.40 23.32 8.10
CA THR B 375 -30.39 24.13 6.88
C THR B 375 -30.21 23.25 5.65
N LEU B 376 -31.02 23.49 4.63
CA LEU B 376 -30.83 22.91 3.29
C LEU B 376 -30.50 24.04 2.32
N VAL B 377 -29.34 23.96 1.68
CA VAL B 377 -28.91 24.92 0.67
C VAL B 377 -28.89 24.21 -0.67
N THR B 378 -29.43 24.86 -1.70
CA THR B 378 -29.40 24.28 -3.03
C THR B 378 -29.28 25.38 -4.07
N ARG B 379 -28.57 25.09 -5.15
CA ARG B 379 -28.45 26.06 -6.23
C ARG B 379 -29.65 26.05 -7.16
N ALA B 380 -30.47 25.02 -7.09
CA ALA B 380 -31.61 24.89 -8.00
C ALA B 380 -32.59 23.92 -7.37
N ILE B 381 -33.87 24.18 -7.59
CA ILE B 381 -34.92 23.45 -6.89
C ILE B 381 -36.00 23.06 -7.90
N SER B 382 -36.69 21.98 -7.59
CA SER B 382 -37.68 21.45 -8.52
C SER B 382 -38.67 20.56 -7.79
N ILE B 383 -39.64 21.16 -7.09
CA ILE B 383 -40.70 20.41 -6.43
C ILE B 383 -41.88 20.31 -7.38
N SER B 384 -42.55 19.16 -7.35
CA SER B 384 -43.68 18.86 -8.21
C SER B 384 -44.30 17.55 -7.75
N GLY B 385 -45.39 17.64 -6.99
CA GLY B 385 -45.96 16.45 -6.41
C GLY B 385 -45.28 15.99 -5.15
N GLY B 386 -44.32 16.75 -4.64
CA GLY B 386 -43.68 16.43 -3.39
C GLY B 386 -43.76 17.60 -2.43
N THR B 387 -43.12 17.43 -1.28
CA THR B 387 -43.25 18.39 -0.21
C THR B 387 -41.89 18.66 0.43
N ILE B 388 -41.70 19.90 0.87
CA ILE B 388 -40.63 20.27 1.78
C ILE B 388 -41.27 20.96 2.97
N GLU B 389 -40.98 20.48 4.17
CA GLU B 389 -41.67 20.95 5.37
C GLU B 389 -40.69 21.10 6.52
N GLY B 390 -41.23 21.45 7.68
CA GLY B 390 -40.48 21.51 8.90
C GLY B 390 -40.08 22.92 9.30
N PRO B 391 -39.65 23.05 10.55
CA PRO B 391 -39.30 24.38 11.09
C PRO B 391 -37.99 24.98 10.58
N GLY B 392 -37.12 24.20 9.94
CA GLY B 392 -35.79 24.69 9.61
C GLY B 392 -35.73 25.51 8.33
N THR B 393 -34.54 26.05 8.07
CA THR B 393 -34.31 26.93 6.94
C THR B 393 -34.06 26.14 5.65
N ARG B 394 -34.64 26.61 4.55
CA ARG B 394 -34.35 26.14 3.21
C ARG B 394 -33.98 27.34 2.33
N GLN B 395 -32.98 27.16 1.46
CA GLN B 395 -32.30 28.25 0.77
C GLN B 395 -32.05 27.89 -0.68
N VAL B 396 -32.51 28.73 -1.60
CA VAL B 396 -32.13 28.62 -3.01
C VAL B 396 -31.21 29.77 -3.33
N ASN B 397 -30.04 29.44 -3.89
CA ASN B 397 -28.97 30.41 -4.10
C ASN B 397 -28.13 29.95 -5.26
N PRO B 398 -28.47 30.34 -6.48
CA PRO B 398 -27.75 29.86 -7.68
C PRO B 398 -26.25 30.02 -7.65
N SER B 399 -25.72 30.88 -6.78
CA SER B 399 -24.28 31.13 -6.70
C SER B 399 -23.77 30.78 -5.32
N ALA B 400 -24.32 29.73 -4.73
CA ALA B 400 -23.89 29.34 -3.40
C ALA B 400 -22.49 28.76 -3.44
N THR B 401 -21.75 28.96 -2.36
CA THR B 401 -20.44 28.39 -2.17
C THR B 401 -20.50 27.33 -1.07
N PHE B 402 -20.15 26.08 -1.43
CA PHE B 402 -20.18 24.89 -0.59
C PHE B 402 -18.82 24.68 0.06
N PRO B 403 -18.78 24.10 1.26
CA PRO B 403 -17.48 23.77 1.88
C PRO B 403 -16.67 22.74 1.09
N SER B 404 -15.46 22.48 1.56
CA SER B 404 -14.59 21.51 0.91
C SER B 404 -14.91 20.10 1.40
N TYR B 405 -14.69 19.13 0.51
CA TYR B 405 -14.65 17.75 0.93
C TYR B 405 -13.54 17.57 1.97
N PRO B 406 -13.75 16.74 3.00
CA PRO B 406 -12.67 16.48 3.96
C PRO B 406 -11.53 15.73 3.29
N PRO B 407 -10.33 15.72 3.89
CA PRO B 407 -9.17 15.12 3.19
C PRO B 407 -9.25 13.62 2.98
N PHE B 408 -10.09 12.90 3.73
CA PHE B 408 -10.06 11.44 3.61
C PHE B 408 -10.50 10.97 2.24
N ILE B 409 -11.30 11.77 1.53
CA ILE B 409 -11.79 11.31 0.23
C ILE B 409 -10.65 11.20 -0.76
N ASP B 410 -9.83 12.25 -0.88
CA ASP B 410 -8.68 12.19 -1.77
C ASP B 410 -7.64 11.19 -1.28
N ASP B 411 -7.41 11.12 0.04
CA ASP B 411 -6.46 10.17 0.60
C ASP B 411 -6.75 8.75 0.09
N ILE B 412 -8.01 8.33 0.13
CA ILE B 412 -8.36 6.95 -0.23
C ILE B 412 -8.40 6.78 -1.75
N LYS B 413 -8.96 7.77 -2.47
CA LYS B 413 -9.03 7.69 -3.93
C LYS B 413 -7.65 7.49 -4.54
N ASN B 414 -6.64 8.16 -3.99
CA ASN B 414 -5.30 8.13 -4.54
C ASN B 414 -4.44 7.01 -3.99
N PHE B 415 -4.95 6.22 -3.06
CA PHE B 415 -4.17 5.16 -2.45
C PHE B 415 -4.18 3.92 -3.33
N ASP B 416 -2.99 3.44 -3.68
CA ASP B 416 -2.82 2.29 -4.58
C ASP B 416 -2.70 1.02 -3.74
N PHE B 417 -3.86 0.54 -3.26
CA PHE B 417 -3.88 -0.66 -2.43
C PHE B 417 -3.08 -1.79 -3.08
N ASP B 418 -3.26 -1.96 -4.40
CA ASP B 418 -2.65 -3.10 -5.10
C ASP B 418 -1.13 -3.03 -5.06
N SER B 419 -0.57 -1.82 -5.11
CA SER B 419 0.88 -1.66 -5.18
C SER B 419 1.56 -2.16 -3.93
N ARG B 420 0.83 -2.31 -2.84
CA ARG B 420 1.41 -2.69 -1.57
C ARG B 420 1.68 -4.18 -1.44
N MET B 421 1.14 -5.00 -2.35
CA MET B 421 1.36 -6.45 -2.38
C MET B 421 1.97 -6.82 -3.72
N SER B 422 2.62 -7.98 -3.76
CA SER B 422 3.06 -8.59 -5.02
C SER B 422 2.66 -10.07 -4.96
N VAL B 423 1.48 -10.36 -5.47
CA VAL B 423 0.88 -11.68 -5.29
C VAL B 423 1.52 -12.65 -6.26
N THR B 424 1.96 -13.79 -5.74
CA THR B 424 2.50 -14.85 -6.56
C THR B 424 1.65 -16.09 -6.33
N THR B 425 2.13 -17.26 -6.74
CA THR B 425 1.38 -18.47 -6.42
C THR B 425 1.29 -18.64 -4.91
N LEU B 426 0.07 -18.75 -4.40
CA LEU B 426 -0.10 -19.09 -2.98
C LEU B 426 0.46 -20.49 -2.71
N PRO B 427 1.14 -20.69 -1.60
CA PRO B 427 1.85 -21.96 -1.39
C PRO B 427 0.92 -23.11 -1.00
N ALA B 428 1.45 -24.33 -1.15
CA ALA B 428 0.80 -25.54 -0.65
C ALA B 428 1.88 -26.51 -0.15
N ASP B 429 1.59 -27.22 0.93
CA ASP B 429 2.44 -28.24 1.53
C ASP B 429 1.81 -29.61 1.31
N PRO B 430 2.58 -30.69 1.34
CA PRO B 430 2.00 -32.01 0.99
C PRO B 430 1.29 -32.70 2.16
N VAL B 431 1.67 -32.34 3.39
CA VAL B 431 0.91 -32.77 4.56
C VAL B 431 -0.49 -32.14 4.50
N GLY B 432 -1.48 -32.88 4.97
CA GLY B 432 -2.83 -32.32 5.04
C GLY B 432 -3.54 -32.37 3.71
N ALA B 433 -4.15 -31.26 3.32
CA ALA B 433 -4.81 -31.15 2.03
C ALA B 433 -3.78 -30.71 1.00
N THR B 434 -3.62 -31.49 -0.06
CA THR B 434 -2.57 -31.16 -1.02
C THR B 434 -2.80 -29.80 -1.68
N THR B 435 -4.07 -29.40 -1.85
CA THR B 435 -4.38 -28.07 -2.37
C THR B 435 -4.01 -26.93 -1.45
N LEU B 436 -3.67 -27.19 -0.19
CA LEU B 436 -3.59 -26.13 0.80
C LEU B 436 -2.21 -26.01 1.42
N GLY B 437 -1.93 -24.82 1.95
CA GLY B 437 -0.77 -24.60 2.78
C GLY B 437 -1.21 -23.88 4.05
N SER B 438 -0.33 -23.83 5.03
CA SER B 438 -0.72 -23.18 6.27
C SER B 438 0.51 -22.90 7.11
N VAL B 439 0.34 -21.93 8.00
CA VAL B 439 1.25 -21.64 9.10
C VAL B 439 0.37 -21.48 10.33
N TYR B 440 0.85 -21.97 11.48
CA TYR B 440 0.06 -21.88 12.70
C TYR B 440 0.91 -21.33 13.84
N ASP B 441 0.24 -20.99 14.93
CA ASP B 441 0.90 -20.46 16.12
C ASP B 441 0.20 -21.01 17.36
N LYS B 442 0.84 -21.95 18.06
CA LYS B 442 0.28 -22.51 19.28
C LYS B 442 0.68 -21.75 20.54
N SER B 443 1.64 -20.83 20.44
CA SER B 443 1.92 -19.93 21.54
C SER B 443 0.77 -18.94 21.76
N ALA B 444 -0.06 -18.73 20.75
CA ALA B 444 -1.23 -17.91 20.90
C ALA B 444 -2.34 -18.69 21.62
N THR B 445 -3.18 -17.97 22.34
CA THR B 445 -4.38 -18.51 22.96
C THR B 445 -5.55 -17.64 22.54
N PRO B 446 -6.49 -18.15 21.75
CA PRO B 446 -6.42 -19.51 21.19
C PRO B 446 -5.35 -19.63 20.12
N TRP B 447 -5.07 -20.87 19.70
CA TRP B 447 -4.21 -21.13 18.55
C TRP B 447 -4.71 -20.38 17.33
N GLU B 448 -3.78 -19.89 16.53
CA GLU B 448 -4.09 -19.20 15.28
C GLU B 448 -3.51 -19.98 14.11
N ILE B 449 -4.21 -19.98 12.98
CA ILE B 449 -3.70 -20.65 11.79
C ILE B 449 -4.21 -19.91 10.56
N VAL B 450 -3.31 -19.66 9.62
CA VAL B 450 -3.65 -19.08 8.33
C VAL B 450 -3.58 -20.19 7.30
N VAL B 451 -4.62 -20.33 6.47
CA VAL B 451 -4.71 -21.37 5.47
C VAL B 451 -4.69 -20.74 4.09
N TYR B 452 -3.72 -21.14 3.27
CA TYR B 452 -3.57 -20.62 1.92
C TYR B 452 -4.16 -21.60 0.91
N GLY B 453 -5.09 -21.12 0.09
CA GLY B 453 -5.64 -21.95 -0.96
C GLY B 453 -5.53 -21.31 -2.33
N GLU B 454 -4.52 -21.72 -3.11
CA GLU B 454 -4.27 -21.13 -4.42
C GLU B 454 -5.43 -21.36 -5.38
N SER B 455 -6.21 -22.41 -5.18
CA SER B 455 -7.32 -22.74 -6.07
C SER B 455 -8.65 -22.63 -5.35
N GLY B 456 -8.70 -21.87 -4.27
CA GLY B 456 -9.86 -21.85 -3.42
C GLY B 456 -9.69 -22.77 -2.22
N ILE B 457 -10.72 -22.73 -1.36
CA ILE B 457 -10.68 -23.42 -0.08
C ILE B 457 -12.00 -24.11 0.18
N ASN B 458 -11.95 -25.42 0.34
CA ASN B 458 -13.04 -26.35 0.56
C ASN B 458 -13.21 -26.61 2.06
N ASP B 459 -14.43 -26.91 2.51
CA ASP B 459 -14.57 -27.22 3.93
C ASP B 459 -13.87 -28.53 4.26
N SER B 460 -13.95 -29.52 3.38
CA SER B 460 -13.36 -30.81 3.69
C SER B 460 -11.83 -30.77 3.59
N GLU B 461 -11.30 -30.00 2.63
CA GLU B 461 -9.86 -29.75 2.61
C GLU B 461 -9.42 -28.96 3.84
N LEU B 462 -10.26 -28.03 4.30
CA LEU B 462 -9.91 -27.26 5.48
C LEU B 462 -9.78 -28.16 6.70
N ILE B 463 -10.76 -29.04 6.89
CA ILE B 463 -10.74 -30.00 8.01
C ILE B 463 -9.46 -30.81 7.99
N THR B 464 -9.06 -31.33 6.82
CA THR B 464 -7.83 -32.10 6.70
C THR B 464 -6.61 -31.25 7.07
N GLU B 465 -6.47 -30.08 6.44
CA GLU B 465 -5.32 -29.23 6.67
C GLU B 465 -5.17 -28.87 8.15
N VAL B 466 -6.26 -28.43 8.78
CA VAL B 466 -6.16 -27.99 10.16
C VAL B 466 -5.78 -29.17 11.06
N ASN B 467 -6.52 -30.28 10.94
CA ASN B 467 -6.23 -31.46 11.77
C ASN B 467 -4.78 -31.88 11.64
N SER B 468 -4.24 -31.86 10.42
CA SER B 468 -2.89 -32.39 10.26
C SER B 468 -1.83 -31.44 10.78
N LYS B 469 -2.11 -30.15 10.84
CA LYS B 469 -1.11 -29.20 11.32
C LYS B 469 -1.15 -29.05 12.83
N LEU B 470 -2.36 -29.07 13.40
CA LEU B 470 -2.59 -28.80 14.82
C LEU B 470 -2.83 -30.06 15.65
N GLY B 471 -3.03 -31.21 15.02
CA GLY B 471 -3.41 -32.41 15.73
C GLY B 471 -4.88 -32.50 16.06
N SER B 472 -5.64 -31.44 15.82
CA SER B 472 -7.06 -31.35 16.15
C SER B 472 -7.60 -30.10 15.48
N PHE B 473 -8.91 -29.86 15.64
CA PHE B 473 -9.60 -28.71 15.07
C PHE B 473 -10.43 -28.12 16.20
N PRO B 474 -9.81 -27.34 17.08
CA PRO B 474 -10.56 -26.79 18.21
C PRO B 474 -11.57 -25.75 17.75
N SER B 475 -12.78 -25.83 18.30
CA SER B 475 -13.87 -24.95 17.86
C SER B 475 -13.56 -23.47 18.05
N ASN B 476 -12.57 -23.12 18.90
CA ASN B 476 -12.23 -21.74 19.17
C ASN B 476 -11.01 -21.26 18.39
N VAL B 477 -10.50 -22.03 17.43
CA VAL B 477 -9.29 -21.65 16.71
C VAL B 477 -9.48 -20.34 15.94
N ARG B 478 -8.48 -19.46 16.00
CA ARG B 478 -8.48 -18.27 15.18
C ARG B 478 -8.06 -18.67 13.78
N LEU B 479 -8.90 -18.30 12.79
CA LEU B 479 -8.76 -18.75 11.40
C LEU B 479 -8.48 -17.58 10.46
N TYR B 480 -7.44 -17.72 9.65
CA TYR B 480 -7.11 -16.70 8.65
C TYR B 480 -7.18 -17.40 7.30
N LEU B 481 -8.25 -17.11 6.55
CA LEU B 481 -8.46 -17.74 5.25
C LEU B 481 -7.92 -16.82 4.17
N ALA B 482 -6.83 -17.24 3.53
CA ALA B 482 -6.25 -16.53 2.39
C ALA B 482 -6.48 -17.40 1.16
N SER B 483 -7.17 -16.84 0.17
CA SER B 483 -7.60 -17.62 -0.98
C SER B 483 -7.47 -16.81 -2.26
N LYS B 484 -6.91 -17.43 -3.30
CA LYS B 484 -7.01 -16.89 -4.66
C LYS B 484 -8.24 -17.40 -5.38
N GLY B 485 -8.98 -18.34 -4.78
CA GLY B 485 -10.24 -18.77 -5.34
C GLY B 485 -11.43 -18.44 -4.47
N ASN B 486 -12.45 -19.29 -4.53
CA ASN B 486 -13.65 -19.12 -3.73
C ASN B 486 -13.54 -19.92 -2.44
N ILE B 487 -14.44 -19.63 -1.50
CA ILE B 487 -14.60 -20.43 -0.30
C ILE B 487 -15.89 -21.20 -0.44
N THR B 488 -15.83 -22.52 -0.27
CA THR B 488 -17.02 -23.36 -0.40
C THR B 488 -17.24 -24.20 0.84
N PHE B 489 -18.43 -24.08 1.42
CA PHE B 489 -18.85 -24.89 2.57
C PHE B 489 -20.09 -25.67 2.17
N SER B 490 -19.88 -26.81 1.51
CA SER B 490 -21.02 -27.67 1.15
C SER B 490 -21.58 -28.39 2.37
N ASN B 491 -20.72 -28.76 3.32
CA ASN B 491 -21.07 -29.60 4.46
C ASN B 491 -20.75 -28.85 5.76
N PRO B 492 -21.35 -27.67 5.98
CA PRO B 492 -20.86 -26.81 7.08
C PRO B 492 -20.95 -27.44 8.45
N THR B 493 -21.98 -28.24 8.71
CA THR B 493 -22.12 -28.86 10.03
C THR B 493 -21.02 -29.89 10.33
N SER B 494 -20.27 -30.34 9.32
CA SER B 494 -19.07 -31.12 9.56
C SER B 494 -17.92 -30.30 10.16
N LEU B 495 -18.12 -29.00 10.37
CA LEU B 495 -17.05 -28.15 10.86
C LEU B 495 -17.25 -27.85 12.32
N PRO B 496 -16.19 -27.96 13.13
CA PRO B 496 -16.31 -27.59 14.54
C PRO B 496 -16.72 -26.15 14.75
N LEU B 497 -16.51 -25.28 13.77
CA LEU B 497 -16.98 -23.90 13.86
C LEU B 497 -18.50 -23.75 13.75
N TYR B 498 -19.23 -24.81 13.40
CA TYR B 498 -20.67 -24.67 13.23
C TYR B 498 -21.38 -24.68 14.57
N ASN B 499 -22.37 -23.82 14.70
CA ASN B 499 -23.12 -23.64 15.96
C ASN B 499 -24.59 -23.99 15.71
N PRO B 500 -25.08 -25.12 16.21
CA PRO B 500 -26.46 -25.51 15.87
C PRO B 500 -27.52 -24.64 16.52
N THR B 501 -27.22 -23.98 17.64
CA THR B 501 -28.20 -23.08 18.25
C THR B 501 -28.46 -21.85 17.38
N THR B 502 -27.45 -21.37 16.66
CA THR B 502 -27.66 -20.24 15.75
C THR B 502 -27.67 -20.65 14.29
N GLY B 503 -27.21 -21.86 13.95
CA GLY B 503 -27.13 -22.24 12.55
C GLY B 503 -26.12 -21.45 11.76
N LYS B 504 -25.01 -21.06 12.40
CA LYS B 504 -23.99 -20.26 11.75
C LYS B 504 -22.62 -20.89 11.96
N LEU B 505 -21.77 -20.76 10.97
CA LEU B 505 -20.35 -20.98 11.19
C LEU B 505 -19.77 -19.73 11.84
N VAL B 506 -19.11 -19.90 12.98
CA VAL B 506 -18.46 -18.78 13.66
C VAL B 506 -16.99 -18.81 13.27
N ILE B 507 -16.58 -17.89 12.39
CA ILE B 507 -15.19 -17.74 11.97
C ILE B 507 -14.63 -16.51 12.66
N GLU B 508 -13.69 -16.73 13.58
CA GLU B 508 -12.99 -15.65 14.28
C GLU B 508 -11.61 -15.48 13.66
N GLY B 509 -11.41 -14.35 13.00
CA GLY B 509 -10.16 -14.06 12.34
C GLY B 509 -10.36 -13.05 11.24
N ALA B 510 -10.06 -13.45 10.00
CA ALA B 510 -10.19 -12.56 8.86
C ALA B 510 -10.19 -13.40 7.58
N ILE B 511 -10.58 -12.77 6.48
CA ILE B 511 -10.66 -13.41 5.18
C ILE B 511 -9.99 -12.47 4.18
N ILE B 512 -9.03 -12.99 3.45
CA ILE B 512 -8.26 -12.24 2.46
C ILE B 512 -8.40 -13.00 1.15
N THR B 513 -8.84 -12.32 0.10
CA THR B 513 -9.06 -12.99 -1.17
C THR B 513 -8.36 -12.23 -2.27
N LEU B 514 -7.77 -12.98 -3.22
CA LEU B 514 -6.79 -12.45 -4.15
C LEU B 514 -7.20 -12.56 -5.62
N GLY B 515 -8.24 -13.32 -5.94
CA GLY B 515 -8.68 -13.41 -7.31
C GLY B 515 -9.59 -12.27 -7.68
N SER B 516 -9.81 -12.13 -8.98
CA SER B 516 -10.74 -11.11 -9.44
C SER B 516 -12.18 -11.41 -9.03
N THR B 517 -12.47 -12.66 -8.70
CA THR B 517 -13.78 -13.03 -8.20
C THR B 517 -13.64 -13.69 -6.84
N PHE B 518 -14.50 -13.34 -5.90
CA PHE B 518 -14.60 -14.08 -4.66
C PHE B 518 -16.06 -14.33 -4.33
N ASN B 519 -16.43 -15.60 -4.17
CA ASN B 519 -17.76 -16.05 -3.76
C ASN B 519 -17.62 -16.88 -2.51
N ILE B 520 -18.49 -16.64 -1.54
CA ILE B 520 -18.69 -17.59 -0.45
C ILE B 520 -19.91 -18.42 -0.81
N ASN B 521 -19.69 -19.71 -1.06
CA ASN B 521 -20.74 -20.65 -1.40
C ASN B 521 -21.01 -21.56 -0.20
N ILE B 522 -22.28 -21.67 0.20
CA ILE B 522 -22.64 -22.37 1.43
C ILE B 522 -24.06 -22.91 1.32
N SER B 523 -24.31 -24.02 2.02
CA SER B 523 -25.62 -24.68 2.04
C SER B 523 -26.07 -24.90 3.47
N GLY B 524 -27.19 -24.29 3.84
CA GLY B 524 -27.81 -24.58 5.12
C GLY B 524 -27.08 -24.08 6.34
N ALA B 525 -26.38 -22.95 6.21
CA ALA B 525 -25.72 -22.28 7.31
C ALA B 525 -25.34 -20.89 6.84
N GLY B 526 -25.35 -19.94 7.77
CA GLY B 526 -24.79 -18.64 7.53
C GLY B 526 -23.40 -18.53 8.13
N ILE B 527 -22.83 -17.33 8.02
CA ILE B 527 -21.51 -17.05 8.57
C ILE B 527 -21.62 -15.94 9.60
N GLU B 528 -20.88 -16.08 10.69
CA GLU B 528 -20.55 -14.99 11.59
C GLU B 528 -19.04 -14.83 11.55
N LEU B 529 -18.57 -13.80 10.87
CA LEU B 529 -17.15 -13.47 10.81
C LEU B 529 -16.84 -12.46 11.92
N ILE B 530 -15.99 -12.83 12.85
CA ILE B 530 -15.67 -11.97 13.97
C ILE B 530 -14.21 -11.58 13.82
N TYR B 531 -13.96 -10.28 13.60
CA TYR B 531 -12.60 -9.82 13.33
C TYR B 531 -11.71 -10.04 14.53
N LYS B 532 -10.57 -10.71 14.30
CA LYS B 532 -9.51 -10.81 15.29
C LYS B 532 -8.17 -10.50 14.61
N ARG B 533 -7.50 -9.44 15.07
CA ARG B 533 -6.18 -9.16 14.52
C ARG B 533 -5.22 -10.32 14.78
N ALA B 534 -4.51 -10.73 13.75
CA ALA B 534 -3.58 -11.83 13.85
C ALA B 534 -2.40 -11.48 14.75
N GLY B 535 -1.93 -12.47 15.51
CA GLY B 535 -0.67 -12.36 16.22
C GLY B 535 0.52 -12.29 15.27
N SER B 536 1.71 -12.12 15.89
CA SER B 536 2.91 -11.80 15.14
C SER B 536 3.25 -12.87 14.11
N THR B 537 3.15 -14.13 14.51
CA THR B 537 3.58 -15.24 13.67
C THR B 537 2.74 -15.34 12.40
N ILE B 538 1.41 -15.34 12.57
CA ILE B 538 0.51 -15.38 11.42
C ILE B 538 0.68 -14.14 10.57
N GLU B 539 0.80 -12.98 11.22
CA GLU B 539 0.97 -11.74 10.46
C GLU B 539 2.26 -11.78 9.64
N SER B 540 3.36 -12.23 10.24
CA SER B 540 4.61 -12.36 9.50
C SER B 540 4.47 -13.28 8.29
N SER B 541 3.74 -14.40 8.45
CA SER B 541 3.49 -15.31 7.34
C SER B 541 2.70 -14.63 6.23
N ILE B 542 1.56 -14.02 6.59
CA ILE B 542 0.76 -13.34 5.57
C ILE B 542 1.60 -12.33 4.83
N THR B 543 2.39 -11.53 5.57
CA THR B 543 3.17 -10.47 4.94
C THR B 543 4.14 -11.02 3.89
N SER B 544 4.75 -12.17 4.16
CA SER B 544 5.76 -12.68 3.24
C SER B 544 5.14 -13.48 2.11
N THR B 545 3.99 -14.10 2.34
CA THR B 545 3.33 -14.85 1.29
C THR B 545 2.73 -13.92 0.24
N LEU B 546 2.15 -12.81 0.68
CA LEU B 546 1.56 -11.83 -0.19
C LEU B 546 2.57 -10.79 -0.63
N ASN B 547 3.77 -10.81 -0.06
CA ASN B 547 4.79 -9.81 -0.33
C ASN B 547 4.30 -8.42 0.03
N TYR B 548 3.64 -8.33 1.19
CA TYR B 548 3.01 -7.10 1.64
C TYR B 548 4.03 -6.13 2.21
N ILE B 549 3.93 -4.87 1.82
CA ILE B 549 4.71 -3.79 2.42
C ILE B 549 3.73 -2.78 2.99
N PRO B 550 3.71 -2.59 4.32
CA PRO B 550 2.85 -1.56 4.90
C PRO B 550 3.13 -0.21 4.26
N PRO B 551 2.10 0.61 4.09
CA PRO B 551 2.29 1.89 3.43
C PRO B 551 3.22 2.78 4.24
N PRO B 552 3.83 3.77 3.59
CA PRO B 552 4.84 4.58 4.28
C PRO B 552 4.32 5.28 5.53
N ARG B 553 5.19 5.29 6.54
N ARG B 553 5.20 5.32 6.53
CA ARG B 553 5.12 6.12 7.75
CA ARG B 553 5.05 6.04 7.81
C ARG B 553 3.82 6.92 7.98
C ARG B 553 3.72 6.79 8.03
CA CA C . 27.70 -24.31 -15.73
C1 GOL D . 5.31 -1.16 -8.59
O1 GOL D . 5.63 -2.53 -8.36
C2 GOL D . 3.94 -0.95 -9.27
O2 GOL D . 2.89 -1.68 -8.68
C3 GOL D . 4.00 -1.25 -10.77
O3 GOL D . 5.08 -0.55 -11.36
CA CA E . -1.30 -29.13 2.64
#